data_6U7B
#
_entry.id   6U7B
#
_cell.length_a   52.286
_cell.length_b   142.897
_cell.length_c   151.157
_cell.angle_alpha   90.000
_cell.angle_beta   90.000
_cell.angle_gamma   90.000
#
_symmetry.space_group_name_H-M   'P 21 21 21'
#
loop_
_entity.id
_entity.type
_entity.pdbx_description
1 polymer 'E. coli MS115-1 CdnC'
2 polymer 'bacHORMA_1 domain-containing protein'
3 non-polymer 'MAGNESIUM ION'
4 non-polymer 'CHLORIDE ION'
5 non-polymer 'ACETATE ION'
6 non-polymer 'ADENOSINE MONOPHOSPHATE'
7 water water
#
loop_
_entity_poly.entity_id
_entity_poly.type
_entity_poly.pdbx_seq_one_letter_code
_entity_poly.pdbx_strand_id
1 'polypeptide(L)'
;MSTEHVDHKTIARFAEDKVNLPKVKADDFREQAKRLQNKLEGYLSDHPDFSLKRMIPSGSLAKGTALRSLNDIDVAVYIS
GSDAPQDLRGLLDYLADRLRKAFPNFSPDQVKPQTYSVTVSFRGSGLDVDIVPVLYSGLPDWRGHLISQEDGSFLETSIP
LHLDFIKARKRAAPKHFAQVVRLAKYWARLMKQERPNFRFKSFMIELILAKLLDNGVDFSNYPEALQAFFSYLVSTELRE
RIVFEDNYPASKIGTLSDLVQIIDPVNPVNNVARLYTQSNVDAIIDAAMDAGDAIDAAFYAPTKQLTVTYWQKVFGSSFQ
G
;
A,C
2 'polypeptide(L)'
;MKSSHHHHHHENLYFQSNATFSVTHARHMAAKVATDLRRMQRFYGYPSDADIEAYEEELVVFLKAGYLGEVSYGFQKNNN
WIEPTLRYTAGDLLGSGTDDDPGKIRPGKDVSGASFYSFMTYSSKYLNATQSEKDTALKDLPFKRVGAQSPGINGYLEND
KTYSAGGRSLTRTSVRNFV
;
B,D
#
# COMPACT_ATOMS: atom_id res chain seq x y z
N SER A 2 -12.88 22.70 22.12
CA SER A 2 -13.69 21.68 22.75
C SER A 2 -15.14 22.13 22.89
N THR A 3 -15.95 21.35 23.61
CA THR A 3 -17.34 21.71 23.80
C THR A 3 -17.50 22.98 24.62
N GLU A 4 -16.52 23.30 25.47
CA GLU A 4 -16.56 24.58 26.18
C GLU A 4 -16.61 25.74 25.20
N HIS A 5 -15.97 25.59 24.04
CA HIS A 5 -15.85 26.68 23.07
C HIS A 5 -16.96 26.66 22.04
N VAL A 6 -17.34 25.48 21.55
CA VAL A 6 -18.42 25.33 20.59
C VAL A 6 -19.21 24.08 20.95
N ASP A 7 -20.51 24.24 21.19
CA ASP A 7 -21.35 23.11 21.54
C ASP A 7 -22.64 23.15 20.73
N HIS A 8 -23.61 22.29 21.09
CA HIS A 8 -24.84 22.23 20.31
C HIS A 8 -25.53 23.58 20.23
N LYS A 9 -25.57 24.31 21.35
CA LYS A 9 -26.23 25.62 21.32
C LYS A 9 -25.50 26.61 20.43
N THR A 10 -24.16 26.51 20.34
CA THR A 10 -23.44 27.36 19.40
C THR A 10 -23.89 27.08 17.96
N ILE A 11 -24.00 25.80 17.61
CA ILE A 11 -24.42 25.44 16.25
C ILE A 11 -25.85 25.89 16.01
N ALA A 12 -26.72 25.75 17.02
CA ALA A 12 -28.11 26.17 16.85
C ALA A 12 -28.23 27.67 16.62
N ARG A 13 -27.44 28.46 17.37
CA ARG A 13 -27.42 29.91 17.13
C ARG A 13 -26.88 30.21 15.74
N PHE A 14 -25.80 29.53 15.33
CA PHE A 14 -25.24 29.76 14.02
C PHE A 14 -26.26 29.46 12.92
N ALA A 15 -27.04 28.39 13.11
CA ALA A 15 -28.01 28.01 12.09
C ALA A 15 -29.07 29.09 11.89
N GLU A 16 -29.53 29.70 12.98
CA GLU A 16 -30.51 30.79 12.85
C GLU A 16 -29.86 32.02 12.22
N ASP A 17 -28.69 32.41 12.71
CA ASP A 17 -28.05 33.64 12.24
C ASP A 17 -27.71 33.57 10.75
N LYS A 18 -27.22 32.42 10.28
CA LYS A 18 -26.59 32.35 8.97
C LYS A 18 -27.16 31.29 8.04
N VAL A 19 -27.84 30.26 8.54
CA VAL A 19 -28.24 29.12 7.73
C VAL A 19 -29.71 29.18 7.34
N ASN A 20 -30.59 29.35 8.32
CA ASN A 20 -32.02 29.20 8.08
C ASN A 20 -32.57 30.39 7.32
N LEU A 21 -33.62 30.13 6.55
CA LEU A 21 -34.38 31.22 5.93
C LEU A 21 -35.19 31.93 7.00
N PRO A 22 -34.97 33.21 7.25
CA PRO A 22 -35.75 33.90 8.29
C PRO A 22 -37.25 33.75 8.05
N LYS A 23 -37.99 33.62 9.15
CA LYS A 23 -39.44 33.43 9.06
C LYS A 23 -40.10 34.59 8.31
N VAL A 24 -39.67 35.82 8.57
CA VAL A 24 -40.23 36.97 7.87
C VAL A 24 -40.12 36.78 6.37
N LYS A 25 -38.95 36.37 5.89
CA LYS A 25 -38.77 36.19 4.45
C LYS A 25 -39.56 34.99 3.94
N ALA A 26 -39.60 33.90 4.72
CA ALA A 26 -40.39 32.74 4.30
C ALA A 26 -41.87 33.09 4.22
N ASP A 27 -42.37 33.89 5.16
CA ASP A 27 -43.74 34.37 5.08
C ASP A 27 -43.98 35.14 3.79
N ASP A 28 -43.08 36.07 3.47
CA ASP A 28 -43.23 36.85 2.24
C ASP A 28 -43.32 35.95 1.02
N PHE A 29 -42.41 34.98 0.91
CA PHE A 29 -42.43 34.09 -0.24
C PHE A 29 -43.73 33.28 -0.29
N ARG A 30 -44.17 32.78 0.86
CA ARG A 30 -45.41 32.02 0.88
C ARG A 30 -46.60 32.87 0.45
N GLU A 31 -46.63 34.15 0.86
CA GLU A 31 -47.69 35.04 0.42
C GLU A 31 -47.62 35.29 -1.08
N GLN A 32 -46.42 35.41 -1.64
CA GLN A 32 -46.29 35.52 -3.09
C GLN A 32 -46.96 34.35 -3.79
N ALA A 33 -46.62 33.13 -3.37
CA ALA A 33 -47.19 31.94 -4.00
C ALA A 33 -48.70 31.88 -3.76
N LYS A 34 -49.14 32.20 -2.54
CA LYS A 34 -50.56 32.21 -2.25
C LYS A 34 -51.31 33.16 -3.17
N ARG A 35 -50.68 34.28 -3.54
CA ARG A 35 -51.34 35.24 -4.43
C ARG A 35 -51.61 34.61 -5.80
N LEU A 36 -50.58 33.99 -6.40
CA LEU A 36 -50.80 33.29 -7.66
C LEU A 36 -51.84 32.19 -7.51
N GLN A 37 -51.73 31.41 -6.43
CA GLN A 37 -52.66 30.29 -6.23
C GLN A 37 -54.09 30.79 -6.10
N ASN A 38 -54.30 31.89 -5.37
CA ASN A 38 -55.63 32.46 -5.26
C ASN A 38 -56.15 32.93 -6.61
N LYS A 39 -55.30 33.59 -7.41
CA LYS A 39 -55.69 33.99 -8.74
C LYS A 39 -56.09 32.78 -9.58
N LEU A 40 -55.29 31.70 -9.52
CA LEU A 40 -55.60 30.52 -10.31
C LEU A 40 -56.93 29.89 -9.87
N GLU A 41 -57.16 29.79 -8.56
CA GLU A 41 -58.43 29.26 -8.09
C GLU A 41 -59.59 30.13 -8.57
N GLY A 42 -59.44 31.45 -8.48
CA GLY A 42 -60.49 32.33 -8.97
C GLY A 42 -60.74 32.16 -10.45
N TYR A 43 -59.68 32.06 -11.25
CA TYR A 43 -59.85 31.88 -12.68
C TYR A 43 -60.46 30.52 -13.00
N LEU A 44 -59.99 29.48 -12.31
CA LEU A 44 -60.56 28.15 -12.48
C LEU A 44 -62.05 28.14 -12.18
N SER A 45 -62.45 28.82 -11.10
CA SER A 45 -63.87 28.89 -10.75
C SER A 45 -64.70 29.46 -11.88
N ASP A 46 -64.22 30.52 -12.53
CA ASP A 46 -64.97 31.11 -13.65
C ASP A 46 -64.87 30.27 -14.91
N HIS A 47 -63.87 29.41 -15.05
CA HIS A 47 -63.63 28.64 -16.26
C HIS A 47 -63.23 27.21 -15.89
N PRO A 48 -64.20 26.36 -15.58
CA PRO A 48 -63.87 25.00 -15.15
C PRO A 48 -63.06 24.19 -16.16
N ASP A 49 -63.12 24.54 -17.44
CA ASP A 49 -62.37 23.82 -18.47
C ASP A 49 -60.91 24.22 -18.54
N PHE A 50 -60.48 25.20 -17.75
CA PHE A 50 -59.10 25.67 -17.78
C PHE A 50 -58.14 24.55 -17.38
N SER A 51 -57.00 24.49 -18.09
CA SER A 51 -56.10 23.36 -17.95
C SER A 51 -55.43 23.33 -16.57
N LEU A 52 -55.07 24.48 -16.02
CA LEU A 52 -54.30 24.52 -14.79
C LEU A 52 -55.22 24.30 -13.60
N LYS A 53 -55.11 23.14 -12.97
CA LYS A 53 -56.06 22.73 -11.94
C LYS A 53 -55.59 23.04 -10.52
N ARG A 54 -54.29 23.13 -10.29
CA ARG A 54 -53.81 23.39 -8.94
C ARG A 54 -52.38 23.89 -9.00
N MET A 55 -52.04 24.77 -8.06
CA MET A 55 -50.67 25.24 -7.85
C MET A 55 -50.30 24.94 -6.41
N ILE A 56 -49.23 24.16 -6.23
CA ILE A 56 -48.83 23.69 -4.91
C ILE A 56 -47.36 24.07 -4.67
N PRO A 57 -47.05 24.80 -3.61
CA PRO A 57 -45.64 24.96 -3.21
C PRO A 57 -45.03 23.58 -2.93
N SER A 58 -43.84 23.35 -3.48
CA SER A 58 -43.33 21.99 -3.64
C SER A 58 -41.92 21.77 -3.14
N GLY A 59 -41.12 22.81 -2.95
CA GLY A 59 -39.71 22.67 -2.66
C GLY A 59 -39.37 22.82 -1.19
N SER A 60 -38.11 23.18 -0.94
CA SER A 60 -37.63 23.30 0.43
C SER A 60 -38.49 24.26 1.25
N LEU A 61 -38.99 25.33 0.62
CA LEU A 61 -39.84 26.26 1.36
C LEU A 61 -41.10 25.58 1.87
N ALA A 62 -41.73 24.75 1.04
CA ALA A 62 -42.93 24.05 1.48
C ALA A 62 -42.60 23.01 2.55
N LYS A 63 -41.41 22.41 2.50
CA LYS A 63 -41.02 21.39 3.47
C LYS A 63 -40.42 21.97 4.74
N GLY A 64 -40.19 23.29 4.80
CA GLY A 64 -39.55 23.88 5.96
C GLY A 64 -38.08 23.60 6.07
N THR A 65 -37.41 23.36 4.94
CA THR A 65 -35.98 23.08 4.91
C THR A 65 -35.21 24.10 4.08
N ALA A 66 -35.77 25.29 3.92
CA ALA A 66 -35.16 26.31 3.07
C ALA A 66 -33.96 26.94 3.76
N LEU A 67 -32.96 27.29 2.96
CA LEU A 67 -31.78 27.98 3.45
C LEU A 67 -31.89 29.48 3.15
N ARG A 68 -31.08 30.27 3.87
CA ARG A 68 -31.06 31.70 3.65
C ARG A 68 -30.81 32.05 2.19
N SER A 69 -30.15 31.16 1.46
CA SER A 69 -29.74 31.41 0.08
C SER A 69 -30.84 31.10 -0.93
N LEU A 70 -32.06 30.82 -0.50
CA LEU A 70 -33.15 30.54 -1.44
C LEU A 70 -33.27 31.68 -2.44
N ASN A 71 -33.35 31.33 -3.72
CA ASN A 71 -33.38 32.31 -4.80
C ASN A 71 -34.66 32.28 -5.62
N ASP A 72 -35.58 31.36 -5.33
CA ASP A 72 -36.88 31.32 -5.99
C ASP A 72 -37.80 30.45 -5.15
N ILE A 73 -39.09 30.50 -5.47
CA ILE A 73 -40.12 29.75 -4.77
C ILE A 73 -40.58 28.61 -5.67
N ASP A 74 -40.35 27.38 -5.23
CA ASP A 74 -40.75 26.21 -5.99
C ASP A 74 -42.24 25.96 -5.83
N VAL A 75 -42.94 25.83 -6.97
CA VAL A 75 -44.33 25.36 -6.96
C VAL A 75 -44.53 24.40 -8.11
N ALA A 76 -45.47 23.47 -7.93
CA ALA A 76 -45.93 22.58 -8.98
C ALA A 76 -47.31 23.05 -9.44
N VAL A 77 -47.55 22.97 -10.74
CA VAL A 77 -48.86 23.26 -11.33
C VAL A 77 -49.34 22.01 -12.05
N TYR A 78 -50.50 21.49 -11.62
CA TYR A 78 -51.06 20.30 -12.23
C TYR A 78 -51.83 20.65 -13.49
N ILE A 79 -51.49 19.97 -14.58
CA ILE A 79 -52.04 20.25 -15.90
C ILE A 79 -52.78 19.00 -16.38
N SER A 80 -54.01 19.19 -16.84
CA SER A 80 -54.83 18.10 -17.33
C SER A 80 -55.32 18.40 -18.74
N GLY A 81 -55.75 17.35 -19.43
CA GLY A 81 -56.38 17.49 -20.72
C GLY A 81 -55.46 17.05 -21.86
N SER A 82 -56.09 16.76 -23.00
CA SER A 82 -55.37 16.28 -24.18
C SER A 82 -54.60 17.38 -24.90
N ASP A 83 -55.00 18.64 -24.73
CA ASP A 83 -54.31 19.73 -25.42
C ASP A 83 -52.86 19.86 -24.97
N ALA A 84 -52.59 19.59 -23.70
CA ALA A 84 -51.25 19.81 -23.16
C ALA A 84 -50.25 18.89 -23.85
N PRO A 85 -49.12 19.40 -24.34
CA PRO A 85 -48.16 18.54 -25.03
C PRO A 85 -47.46 17.58 -24.09
N GLN A 86 -46.74 16.64 -24.68
CA GLN A 86 -45.93 15.67 -23.95
C GLN A 86 -44.44 15.87 -24.19
N ASP A 87 -44.07 16.99 -24.80
CA ASP A 87 -42.68 17.39 -24.95
C ASP A 87 -42.41 18.59 -24.05
N LEU A 88 -41.26 18.59 -23.38
CA LEU A 88 -41.02 19.58 -22.34
C LEU A 88 -41.03 21.00 -22.91
N ARG A 89 -40.39 21.21 -24.05
CA ARG A 89 -40.41 22.54 -24.67
C ARG A 89 -41.84 22.97 -24.96
N GLY A 90 -42.63 22.09 -25.57
CA GLY A 90 -44.02 22.43 -25.84
C GLY A 90 -44.84 22.57 -24.58
N LEU A 91 -44.66 21.65 -23.63
CA LEU A 91 -45.43 21.71 -22.39
C LEU A 91 -45.14 23.00 -21.64
N LEU A 92 -43.88 23.41 -21.58
CA LEU A 92 -43.53 24.66 -20.92
C LEU A 92 -44.11 25.86 -21.66
N ASP A 93 -44.14 25.80 -22.99
CA ASP A 93 -44.83 26.83 -23.76
C ASP A 93 -46.31 26.85 -23.41
N TYR A 94 -46.94 25.67 -23.39
CA TYR A 94 -48.34 25.57 -23.02
C TYR A 94 -48.58 26.15 -21.62
N LEU A 95 -47.76 25.74 -20.66
CA LEU A 95 -47.89 26.26 -19.30
C LEU A 95 -47.79 27.79 -19.28
N ALA A 96 -46.81 28.33 -20.00
CA ALA A 96 -46.61 29.78 -20.00
C ALA A 96 -47.85 30.50 -20.54
N ASP A 97 -48.37 30.06 -21.69
CA ASP A 97 -49.54 30.71 -22.24
C ASP A 97 -50.72 30.64 -21.28
N ARG A 98 -50.92 29.47 -20.66
CA ARG A 98 -52.02 29.31 -19.70
C ARG A 98 -51.81 30.22 -18.48
N LEU A 99 -50.56 30.34 -18.01
CA LEU A 99 -50.27 31.25 -16.91
C LEU A 99 -50.57 32.69 -17.31
N ARG A 100 -50.23 33.06 -18.55
CA ARG A 100 -50.53 34.41 -19.02
C ARG A 100 -52.03 34.67 -19.05
N LYS A 101 -52.82 33.68 -19.48
CA LYS A 101 -54.27 33.88 -19.51
C LYS A 101 -54.83 34.09 -18.12
N ALA A 102 -54.37 33.32 -17.13
CA ALA A 102 -54.91 33.41 -15.78
C ALA A 102 -54.43 34.65 -15.03
N PHE A 103 -53.34 35.27 -15.48
CA PHE A 103 -52.78 36.47 -14.84
C PHE A 103 -52.87 37.64 -15.81
N PRO A 104 -54.06 38.20 -16.00
CA PRO A 104 -54.19 39.33 -16.94
C PRO A 104 -53.55 40.60 -16.44
N ASN A 105 -53.29 40.74 -15.14
CA ASN A 105 -52.68 41.97 -14.64
C ASN A 105 -51.20 42.05 -15.00
N PHE A 106 -50.51 40.92 -15.08
CA PHE A 106 -49.11 40.89 -15.45
C PHE A 106 -48.96 40.98 -16.96
N SER A 107 -47.82 41.47 -17.41
CA SER A 107 -47.51 41.51 -18.83
C SER A 107 -47.06 40.13 -19.31
N PRO A 108 -47.15 39.88 -20.62
CA PRO A 108 -46.69 38.58 -21.14
C PRO A 108 -45.24 38.27 -20.84
N ASP A 109 -44.35 39.27 -20.88
CA ASP A 109 -42.93 38.99 -20.73
C ASP A 109 -42.55 38.52 -19.34
N GLN A 110 -43.37 38.79 -18.32
CA GLN A 110 -43.03 38.36 -16.97
C GLN A 110 -42.96 36.84 -16.85
N VAL A 111 -43.76 36.12 -17.62
CA VAL A 111 -43.80 34.67 -17.57
C VAL A 111 -42.82 34.13 -18.63
N LYS A 112 -41.70 33.57 -18.18
CA LYS A 112 -40.68 33.10 -19.09
C LYS A 112 -40.38 31.62 -18.88
N PRO A 113 -40.42 30.81 -19.95
CA PRO A 113 -40.08 29.39 -19.82
C PRO A 113 -38.59 29.15 -19.67
N GLN A 114 -38.27 28.00 -19.07
CA GLN A 114 -36.90 27.54 -18.85
C GLN A 114 -36.79 26.09 -19.32
N THR A 115 -35.61 25.48 -19.12
CA THR A 115 -35.39 24.13 -19.63
C THR A 115 -36.30 23.12 -18.94
N TYR A 116 -36.38 23.15 -17.61
CA TYR A 116 -37.19 22.21 -16.86
C TYR A 116 -38.41 22.85 -16.20
N SER A 117 -38.60 24.16 -16.34
CA SER A 117 -39.69 24.83 -15.63
C SER A 117 -40.00 26.17 -16.29
N VAL A 118 -41.11 26.77 -15.85
CA VAL A 118 -41.53 28.10 -16.28
C VAL A 118 -41.40 29.03 -15.08
N THR A 119 -40.80 30.19 -15.29
CA THR A 119 -40.51 31.11 -14.20
C THR A 119 -41.42 32.33 -14.29
N VAL A 120 -42.03 32.68 -13.17
CA VAL A 120 -42.83 33.89 -13.04
C VAL A 120 -42.00 34.87 -12.22
N SER A 121 -41.59 35.98 -12.84
CA SER A 121 -40.72 36.94 -12.19
C SER A 121 -41.40 38.30 -12.10
N PHE A 122 -41.10 39.01 -11.02
CA PHE A 122 -41.61 40.34 -10.77
C PHE A 122 -40.41 41.27 -10.59
N ARG A 123 -40.38 42.35 -11.37
CA ARG A 123 -39.20 43.21 -11.42
C ARG A 123 -39.06 44.02 -10.14
N GLY A 124 -37.99 43.76 -9.40
CA GLY A 124 -37.66 44.57 -8.23
C GLY A 124 -38.52 44.35 -7.02
N SER A 125 -39.36 43.29 -7.00
CA SER A 125 -40.28 43.04 -5.88
C SER A 125 -40.26 41.56 -5.53
N GLY A 126 -39.21 41.13 -4.83
CA GLY A 126 -39.15 39.80 -4.27
C GLY A 126 -38.65 38.76 -5.24
N LEU A 127 -38.65 37.51 -4.77
CA LEU A 127 -38.10 36.39 -5.51
C LEU A 127 -39.04 35.95 -6.62
N ASP A 128 -38.48 35.21 -7.58
CA ASP A 128 -39.24 34.61 -8.66
C ASP A 128 -39.94 33.35 -8.18
N VAL A 129 -40.95 32.93 -8.94
CA VAL A 129 -41.70 31.70 -8.68
C VAL A 129 -41.33 30.68 -9.74
N ASP A 130 -40.76 29.56 -9.31
CA ASP A 130 -40.31 28.49 -10.21
C ASP A 130 -41.40 27.44 -10.28
N ILE A 131 -42.01 27.28 -11.46
CA ILE A 131 -43.17 26.43 -11.65
C ILE A 131 -42.78 25.23 -12.49
N VAL A 132 -42.96 24.04 -11.93
CA VAL A 132 -42.68 22.78 -12.63
C VAL A 132 -44.01 22.17 -13.07
N PRO A 133 -44.16 21.83 -14.35
CA PRO A 133 -45.43 21.24 -14.79
C PRO A 133 -45.56 19.79 -14.36
N VAL A 134 -46.78 19.40 -14.03
CA VAL A 134 -47.11 18.02 -13.71
C VAL A 134 -48.34 17.63 -14.51
N LEU A 135 -48.21 16.63 -15.37
CA LEU A 135 -49.36 16.11 -16.11
C LEU A 135 -50.27 15.33 -15.16
N TYR A 136 -51.55 15.68 -15.14
CA TYR A 136 -52.50 15.07 -14.23
C TYR A 136 -53.62 14.40 -15.03
N SER A 137 -53.96 13.17 -14.63
CA SER A 137 -54.98 12.38 -15.31
C SER A 137 -55.98 11.77 -14.32
N GLY A 138 -56.05 12.30 -13.10
CA GLY A 138 -57.04 11.87 -12.14
C GLY A 138 -56.61 10.78 -11.18
N LEU A 139 -55.31 10.51 -11.06
CA LEU A 139 -54.85 9.50 -10.12
C LEU A 139 -55.05 9.98 -8.69
N PRO A 140 -55.15 9.07 -7.73
CA PRO A 140 -55.37 9.48 -6.34
C PRO A 140 -54.14 10.18 -5.78
N ASP A 141 -54.37 10.95 -4.72
CA ASP A 141 -53.30 11.63 -3.99
C ASP A 141 -52.51 12.59 -4.89
N TRP A 142 -53.18 13.16 -5.88
CA TRP A 142 -52.54 14.13 -6.78
C TRP A 142 -51.27 13.58 -7.39
N ARG A 143 -51.32 12.31 -7.79
CA ARG A 143 -50.22 11.71 -8.51
C ARG A 143 -50.22 12.18 -9.97
N GLY A 144 -49.04 12.50 -10.47
CA GLY A 144 -48.91 12.99 -11.82
C GLY A 144 -47.50 12.71 -12.31
N HIS A 145 -47.27 13.04 -13.58
CA HIS A 145 -46.00 12.76 -14.23
C HIS A 145 -45.30 14.04 -14.66
N LEU A 146 -43.98 14.00 -14.60
CA LEU A 146 -43.15 15.15 -14.95
C LEU A 146 -42.60 15.00 -16.37
N GLY A 152 -36.52 10.95 -22.16
CA GLY A 152 -37.44 11.91 -21.57
C GLY A 152 -38.81 11.34 -21.28
N SER A 153 -38.84 10.21 -20.59
CA SER A 153 -40.10 9.56 -20.23
C SER A 153 -40.78 10.32 -19.11
N PHE A 154 -42.00 9.89 -18.76
CA PHE A 154 -42.81 10.55 -17.75
C PHE A 154 -42.50 9.95 -16.38
N LEU A 155 -42.26 10.81 -15.40
CA LEU A 155 -41.88 10.41 -14.04
C LEU A 155 -43.03 10.70 -13.09
N GLU A 156 -43.58 9.66 -12.48
CA GLU A 156 -44.73 9.82 -11.59
C GLU A 156 -44.33 10.42 -10.25
N THR A 157 -45.21 11.26 -9.70
CA THR A 157 -44.91 11.92 -8.43
C THR A 157 -46.20 12.45 -7.82
N SER A 158 -46.13 12.71 -6.51
CA SER A 158 -47.20 13.39 -5.79
C SER A 158 -46.56 14.38 -4.81
N ILE A 159 -46.70 15.67 -5.10
CA ILE A 159 -46.23 16.68 -4.15
C ILE A 159 -46.86 16.48 -2.79
N PRO A 160 -48.18 16.34 -2.62
CA PRO A 160 -48.74 16.14 -1.29
C PRO A 160 -48.11 14.98 -0.53
N LEU A 161 -47.86 13.86 -1.20
CA LEU A 161 -47.25 12.71 -0.51
C LEU A 161 -45.80 12.99 -0.16
N HIS A 162 -45.05 13.65 -1.07
CA HIS A 162 -43.70 14.07 -0.72
C HIS A 162 -43.70 14.99 0.49
N LEU A 163 -44.62 15.97 0.53
CA LEU A 163 -44.71 16.85 1.68
C LEU A 163 -45.15 16.08 2.93
N ASP A 164 -46.05 15.11 2.77
CA ASP A 164 -46.45 14.29 3.91
C ASP A 164 -45.28 13.52 4.48
N PHE A 165 -44.44 12.94 3.62
CA PHE A 165 -43.30 12.17 4.09
C PHE A 165 -42.43 12.99 5.03
N ILE A 166 -42.07 14.20 4.61
CA ILE A 166 -41.21 15.06 5.44
C ILE A 166 -41.95 15.48 6.69
N LYS A 167 -43.25 15.77 6.59
CA LYS A 167 -44.03 16.17 7.75
C LYS A 167 -43.92 15.13 8.86
N ALA A 168 -43.99 13.85 8.52
CA ALA A 168 -43.95 12.80 9.53
C ALA A 168 -42.62 12.80 10.27
N ARG A 169 -41.51 13.05 9.55
CA ARG A 169 -40.21 13.09 10.21
C ARG A 169 -40.08 14.34 11.08
N LYS A 170 -40.58 15.48 10.61
CA LYS A 170 -40.58 16.67 11.44
C LYS A 170 -41.45 16.47 12.68
N ARG A 171 -42.54 15.72 12.55
CA ARG A 171 -43.36 15.40 13.71
C ARG A 171 -42.62 14.47 14.67
N ALA A 172 -41.77 13.59 14.15
CA ALA A 172 -41.03 12.68 15.01
C ALA A 172 -39.97 13.42 15.82
N ALA A 173 -39.35 14.44 15.22
CA ALA A 173 -38.32 15.24 15.90
C ALA A 173 -38.55 16.71 15.56
N PRO A 174 -39.50 17.36 16.23
CA PRO A 174 -39.82 18.77 15.91
C PRO A 174 -38.58 19.66 15.97
N LYS A 175 -38.43 20.51 14.96
CA LYS A 175 -37.33 21.46 14.84
C LYS A 175 -36.01 20.77 14.49
N HIS A 176 -35.63 19.75 15.25
CA HIS A 176 -34.29 19.19 15.09
C HIS A 176 -34.10 18.55 13.72
N PHE A 177 -35.11 17.83 13.22
CA PHE A 177 -34.94 17.16 11.93
C PHE A 177 -34.75 18.19 10.81
N ALA A 178 -35.63 19.17 10.71
CA ALA A 178 -35.49 20.17 9.66
C ALA A 178 -34.22 20.98 9.82
N GLN A 179 -33.79 21.22 11.06
CA GLN A 179 -32.56 21.97 11.29
C GLN A 179 -31.34 21.19 10.81
N VAL A 180 -31.28 19.90 11.14
CA VAL A 180 -30.13 19.10 10.72
C VAL A 180 -30.11 18.97 9.19
N VAL A 181 -31.28 18.78 8.59
CA VAL A 181 -31.36 18.76 7.13
C VAL A 181 -30.78 20.04 6.54
N ARG A 182 -31.07 21.18 7.18
CA ARG A 182 -30.56 22.45 6.66
C ARG A 182 -29.06 22.59 6.90
N LEU A 183 -28.58 22.15 8.06
CA LEU A 183 -27.14 22.16 8.31
C LEU A 183 -26.41 21.29 7.31
N ALA A 184 -26.95 20.10 7.01
CA ALA A 184 -26.30 19.21 6.07
C ALA A 184 -26.34 19.77 4.65
N LYS A 185 -27.46 20.38 4.26
CA LYS A 185 -27.53 21.02 2.96
C LYS A 185 -26.56 22.19 2.89
N TYR A 186 -26.52 23.02 3.93
CA TYR A 186 -25.57 24.13 3.98
C TYR A 186 -24.14 23.64 3.81
N TRP A 187 -23.79 22.54 4.49
CA TRP A 187 -22.47 21.95 4.30
C TRP A 187 -22.27 21.45 2.88
N ALA A 188 -23.28 20.79 2.31
CA ALA A 188 -23.15 20.25 0.96
C ALA A 188 -22.93 21.38 -0.05
N ARG A 189 -23.58 22.53 0.17
CA ARG A 189 -23.38 23.66 -0.72
C ARG A 189 -21.95 24.17 -0.63
N LEU A 190 -21.39 24.23 0.58
CA LEU A 190 -20.00 24.64 0.74
C LEU A 190 -19.05 23.68 0.04
N MET A 191 -19.35 22.39 0.08
CA MET A 191 -18.47 21.42 -0.57
C MET A 191 -18.50 21.58 -2.09
N LYS A 192 -19.67 21.90 -2.65
CA LYS A 192 -19.76 22.03 -4.10
C LYS A 192 -18.90 23.19 -4.61
N GLN A 193 -18.89 24.32 -3.89
CA GLN A 193 -18.05 25.43 -4.33
C GLN A 193 -16.58 25.16 -4.05
N GLU A 194 -16.27 24.38 -3.02
CA GLU A 194 -14.87 24.07 -2.70
C GLU A 194 -14.34 22.86 -3.45
N ARG A 195 -15.21 21.95 -3.91
CA ARG A 195 -14.76 20.70 -4.51
C ARG A 195 -15.41 20.52 -5.89
N PRO A 196 -14.63 20.19 -6.92
CA PRO A 196 -15.14 20.26 -8.30
C PRO A 196 -16.18 19.21 -8.65
N ASN A 197 -15.85 17.94 -8.52
CA ASN A 197 -16.75 16.86 -8.89
C ASN A 197 -17.82 16.60 -7.83
N PHE A 198 -18.01 17.50 -6.88
CA PHE A 198 -18.91 17.23 -5.76
C PHE A 198 -20.35 17.54 -6.15
N ARG A 199 -21.22 16.55 -5.95
CA ARG A 199 -22.65 16.69 -6.19
C ARG A 199 -23.38 15.96 -5.07
N PHE A 200 -24.44 16.58 -4.55
CA PHE A 200 -25.24 15.95 -3.49
C PHE A 200 -26.65 16.54 -3.57
N LYS A 201 -27.56 15.82 -4.23
CA LYS A 201 -28.93 16.29 -4.34
C LYS A 201 -29.53 16.56 -2.97
N SER A 202 -30.27 17.66 -2.87
CA SER A 202 -30.94 18.00 -1.62
C SER A 202 -31.86 16.86 -1.17
N PHE A 203 -32.53 16.22 -2.12
CA PHE A 203 -33.50 15.19 -1.76
C PHE A 203 -32.81 13.97 -1.15
N MET A 204 -31.68 13.56 -1.72
CA MET A 204 -30.91 12.46 -1.15
C MET A 204 -30.51 12.77 0.29
N ILE A 205 -29.99 13.97 0.53
CA ILE A 205 -29.67 14.39 1.90
C ILE A 205 -30.88 14.19 2.79
N GLU A 206 -32.04 14.66 2.33
CA GLU A 206 -33.25 14.57 3.14
C GLU A 206 -33.63 13.12 3.42
N LEU A 207 -33.49 12.24 2.43
CA LEU A 207 -33.91 10.85 2.62
C LEU A 207 -32.92 10.08 3.48
N ILE A 208 -31.62 10.32 3.28
CA ILE A 208 -30.61 9.72 4.15
C ILE A 208 -30.89 10.08 5.60
N LEU A 209 -31.11 11.37 5.87
CA LEU A 209 -31.38 11.80 7.24
C LEU A 209 -32.72 11.28 7.74
N ALA A 210 -33.71 11.15 6.87
CA ALA A 210 -34.96 10.55 7.30
C ALA A 210 -34.76 9.09 7.69
N LYS A 211 -33.91 8.38 6.95
CA LYS A 211 -33.62 6.98 7.30
C LYS A 211 -32.90 6.89 8.64
N LEU A 212 -31.94 7.77 8.87
CA LEU A 212 -31.28 7.80 10.18
C LEU A 212 -32.28 8.09 11.29
N LEU A 213 -33.18 9.05 11.07
CA LEU A 213 -34.18 9.35 12.09
C LEU A 213 -35.07 8.15 12.36
N ASP A 214 -35.58 7.52 11.29
CA ASP A 214 -36.36 6.30 11.46
C ASP A 214 -35.58 5.25 12.23
N ASN A 215 -34.27 5.10 11.94
CA ASN A 215 -33.46 4.09 12.60
C ASN A 215 -33.16 4.40 14.05
N GLY A 216 -33.53 5.58 14.55
CA GLY A 216 -33.38 5.91 15.95
C GLY A 216 -32.26 6.88 16.27
N VAL A 217 -31.56 7.44 15.28
CA VAL A 217 -30.51 8.40 15.57
C VAL A 217 -31.10 9.63 16.25
N ASP A 218 -30.39 10.13 17.25
CA ASP A 218 -30.83 11.26 18.05
C ASP A 218 -30.42 12.56 17.37
N PHE A 219 -31.41 13.38 17.01
CA PHE A 219 -31.17 14.63 16.30
C PHE A 219 -31.13 15.83 17.23
N SER A 220 -31.22 15.63 18.55
CA SER A 220 -31.29 16.74 19.50
C SER A 220 -29.92 17.32 19.85
N ASN A 221 -28.83 16.73 19.35
CA ASN A 221 -27.49 17.29 19.50
C ASN A 221 -26.88 17.37 18.10
N TYR A 222 -26.74 18.58 17.59
CA TYR A 222 -26.43 18.80 16.19
C TYR A 222 -25.03 18.33 15.81
N PRO A 223 -24.01 18.48 16.66
CA PRO A 223 -22.71 17.88 16.32
C PRO A 223 -22.79 16.37 16.16
N GLU A 224 -23.47 15.69 17.08
CA GLU A 224 -23.57 14.24 17.01
C GLU A 224 -24.49 13.80 15.88
N ALA A 225 -25.57 14.54 15.62
CA ALA A 225 -26.43 14.20 14.51
C ALA A 225 -25.68 14.30 13.18
N LEU A 226 -24.92 15.38 13.01
CA LEU A 226 -24.09 15.50 11.81
C LEU A 226 -23.06 14.38 11.75
N GLN A 227 -22.51 13.96 12.90
CA GLN A 227 -21.53 12.89 12.89
C GLN A 227 -22.18 11.56 12.49
N ALA A 228 -23.41 11.31 12.93
CA ALA A 228 -24.11 10.12 12.48
C ALA A 228 -24.31 10.17 10.97
N PHE A 229 -24.69 11.32 10.44
CA PHE A 229 -24.81 11.51 9.00
C PHE A 229 -23.48 11.23 8.30
N PHE A 230 -22.40 11.84 8.78
CA PHE A 230 -21.11 11.68 8.11
C PHE A 230 -20.58 10.26 8.30
N SER A 231 -20.73 9.68 9.49
CA SER A 231 -20.28 8.31 9.71
C SER A 231 -21.06 7.33 8.86
N TYR A 232 -22.36 7.57 8.66
CA TYR A 232 -23.14 6.70 7.80
C TYR A 232 -22.59 6.69 6.38
N LEU A 233 -22.36 7.89 5.82
CA LEU A 233 -21.86 7.97 4.45
C LEU A 233 -20.54 7.23 4.31
N VAL A 234 -19.63 7.41 5.26
CA VAL A 234 -18.30 6.81 5.16
C VAL A 234 -18.39 5.30 5.26
N SER A 235 -19.11 4.78 6.26
CA SER A 235 -19.03 3.35 6.57
C SER A 235 -19.92 2.50 5.68
N THR A 236 -21.08 3.01 5.27
CA THR A 236 -21.87 2.31 4.25
C THR A 236 -21.34 2.56 2.85
N GLU A 237 -20.65 3.68 2.65
CA GLU A 237 -20.12 4.06 1.34
C GLU A 237 -21.24 4.24 0.31
N LEU A 238 -22.43 4.64 0.78
CA LEU A 238 -23.59 4.86 -0.08
C LEU A 238 -23.99 3.62 -0.86
N ARG A 239 -23.62 2.44 -0.37
CA ARG A 239 -23.97 1.17 -1.00
C ARG A 239 -25.12 0.46 -0.30
N GLU A 240 -25.65 1.04 0.76
CA GLU A 240 -26.79 0.46 1.48
C GLU A 240 -28.07 1.05 0.91
N ARG A 241 -28.96 0.20 0.42
CA ARG A 241 -30.17 0.71 -0.20
C ARG A 241 -31.08 1.32 0.86
N ILE A 242 -31.68 2.45 0.51
CA ILE A 242 -32.58 3.17 1.41
C ILE A 242 -33.97 3.09 0.81
N VAL A 243 -34.87 2.41 1.51
CA VAL A 243 -36.27 2.31 1.12
C VAL A 243 -37.13 2.58 2.35
N PHE A 244 -38.20 3.33 2.16
CA PHE A 244 -39.20 3.57 3.18
C PHE A 244 -40.48 2.86 2.79
N GLU A 245 -41.23 2.42 3.79
CA GLU A 245 -42.47 1.69 3.56
C GLU A 245 -43.69 2.54 3.88
N ASP A 246 -43.58 3.85 3.63
CA ASP A 246 -44.69 4.76 3.92
C ASP A 246 -45.86 4.52 2.98
N ASN A 247 -45.59 4.37 1.69
CA ASN A 247 -46.63 4.25 0.68
C ASN A 247 -46.68 2.90 -0.02
N TYR A 248 -45.71 2.02 0.24
CA TYR A 248 -45.67 0.71 -0.40
C TYR A 248 -44.72 -0.17 0.40
N PRO A 249 -44.89 -1.49 0.36
CA PRO A 249 -43.93 -2.37 1.01
C PRO A 249 -42.63 -2.46 0.22
N ALA A 250 -41.57 -2.88 0.92
CA ALA A 250 -40.26 -2.96 0.27
C ALA A 250 -40.24 -3.98 -0.86
N SER A 251 -41.22 -4.89 -0.91
CA SER A 251 -41.28 -5.85 -2.00
C SER A 251 -41.33 -5.16 -3.36
N LYS A 252 -42.00 -4.02 -3.43
CA LYS A 252 -42.29 -3.39 -4.71
C LYS A 252 -41.04 -2.98 -5.48
N ILE A 253 -39.89 -2.82 -4.82
CA ILE A 253 -38.73 -2.25 -5.51
C ILE A 253 -38.21 -3.20 -6.58
N GLY A 254 -38.13 -4.50 -6.27
CA GLY A 254 -37.54 -5.41 -7.22
C GLY A 254 -36.03 -5.22 -7.29
N THR A 255 -35.45 -5.71 -8.39
CA THR A 255 -34.00 -5.65 -8.59
C THR A 255 -33.61 -4.33 -9.25
N LEU A 256 -32.46 -3.80 -8.85
CA LEU A 256 -31.89 -2.62 -9.46
C LEU A 256 -30.40 -2.84 -9.73
N SER A 257 -29.93 -2.32 -10.86
CA SER A 257 -28.53 -2.37 -11.23
C SER A 257 -27.75 -1.14 -10.79
N ASP A 258 -28.38 -0.24 -10.04
CA ASP A 258 -27.79 1.06 -9.75
C ASP A 258 -26.80 0.97 -8.60
N LEU A 259 -25.73 1.77 -8.70
CA LEU A 259 -24.69 1.75 -7.69
C LEU A 259 -25.20 2.28 -6.36
N VAL A 260 -25.86 3.44 -6.36
CA VAL A 260 -26.46 4.02 -5.18
C VAL A 260 -27.97 3.89 -5.33
N GLN A 261 -28.64 3.44 -4.27
CA GLN A 261 -30.07 3.14 -4.32
C GLN A 261 -30.75 3.84 -3.14
N ILE A 262 -31.30 5.01 -3.41
CA ILE A 262 -32.08 5.79 -2.46
C ILE A 262 -33.43 6.03 -3.12
N ILE A 263 -34.46 5.35 -2.64
CA ILE A 263 -35.67 5.13 -3.41
C ILE A 263 -36.74 6.13 -3.00
N ASP A 264 -37.28 6.84 -4.00
CA ASP A 264 -38.41 7.75 -3.86
C ASP A 264 -39.49 7.13 -2.99
N PRO A 265 -39.78 7.69 -1.80
CA PRO A 265 -40.83 7.11 -0.95
C PRO A 265 -42.22 7.23 -1.53
N VAL A 266 -42.39 7.97 -2.63
CA VAL A 266 -43.68 8.11 -3.30
C VAL A 266 -43.77 7.20 -4.51
N ASN A 267 -42.67 7.06 -5.25
CA ASN A 267 -42.63 6.25 -6.47
C ASN A 267 -41.62 5.12 -6.30
N PRO A 268 -42.05 3.87 -6.12
CA PRO A 268 -41.08 2.79 -5.90
C PRO A 268 -40.18 2.52 -7.07
N VAL A 269 -40.52 3.00 -8.27
CA VAL A 269 -39.73 2.75 -9.47
C VAL A 269 -38.67 3.81 -9.70
N ASN A 270 -38.66 4.88 -8.92
CA ASN A 270 -37.73 5.99 -9.10
C ASN A 270 -36.60 5.88 -8.09
N ASN A 271 -35.36 5.80 -8.59
CA ASN A 271 -34.17 5.82 -7.75
C ASN A 271 -33.55 7.21 -7.84
N VAL A 272 -33.60 7.95 -6.73
CA VAL A 272 -33.12 9.33 -6.75
C VAL A 272 -31.63 9.39 -7.04
N ALA A 273 -30.87 8.44 -6.50
CA ALA A 273 -29.43 8.39 -6.71
C ALA A 273 -29.05 7.59 -7.95
N ARG A 274 -30.00 7.37 -8.86
CA ARG A 274 -29.74 6.56 -10.05
C ARG A 274 -28.58 7.13 -10.86
N LEU A 275 -28.51 8.46 -10.98
CA LEU A 275 -27.51 9.08 -11.84
C LEU A 275 -26.12 9.11 -11.22
N TYR A 276 -26.00 8.91 -9.91
CA TYR A 276 -24.71 9.09 -9.24
C TYR A 276 -23.75 7.97 -9.60
N THR A 277 -22.53 8.35 -9.96
CA THR A 277 -21.48 7.42 -10.36
C THR A 277 -20.56 7.12 -9.17
N GLN A 278 -19.55 6.29 -9.42
CA GLN A 278 -18.57 6.00 -8.39
C GLN A 278 -17.74 7.24 -8.06
N SER A 279 -17.45 8.06 -9.09
CA SER A 279 -16.72 9.30 -8.85
C SER A 279 -17.51 10.24 -7.96
N ASN A 280 -18.82 10.36 -8.19
CA ASN A 280 -19.65 11.18 -7.32
C ASN A 280 -19.64 10.65 -5.90
N VAL A 281 -19.62 9.32 -5.75
CA VAL A 281 -19.66 8.72 -4.42
C VAL A 281 -18.35 8.98 -3.68
N ASP A 282 -17.22 8.73 -4.34
CA ASP A 282 -15.93 8.97 -3.71
C ASP A 282 -15.81 10.39 -3.21
N ALA A 283 -16.39 11.35 -3.94
CA ALA A 283 -16.35 12.74 -3.51
C ALA A 283 -17.14 12.93 -2.21
N ILE A 284 -18.37 12.42 -2.18
CA ILE A 284 -19.18 12.52 -0.97
C ILE A 284 -18.46 11.88 0.21
N ILE A 285 -17.92 10.67 0.00
CA ILE A 285 -17.27 9.94 1.09
C ILE A 285 -16.07 10.72 1.60
N ASP A 286 -15.18 11.13 0.71
CA ASP A 286 -14.02 11.93 1.12
C ASP A 286 -14.46 13.17 1.89
N ALA A 287 -15.45 13.89 1.38
CA ALA A 287 -15.93 15.09 2.07
C ALA A 287 -16.48 14.75 3.45
N ALA A 288 -17.25 13.66 3.55
CA ALA A 288 -17.82 13.28 4.84
C ALA A 288 -16.73 12.88 5.83
N MET A 289 -15.67 12.21 5.35
CA MET A 289 -14.57 11.87 6.24
C MET A 289 -13.90 13.13 6.77
N ASP A 290 -13.60 14.08 5.88
CA ASP A 290 -12.98 15.33 6.30
C ASP A 290 -13.84 16.04 7.34
N ALA A 291 -15.17 16.12 7.10
CA ALA A 291 -16.03 16.82 8.03
C ALA A 291 -16.10 16.11 9.37
N GLY A 292 -16.22 14.78 9.35
CA GLY A 292 -16.18 14.02 10.59
C GLY A 292 -14.86 14.20 11.33
N ASP A 293 -13.76 14.28 10.57
CA ASP A 293 -12.46 14.54 11.19
C ASP A 293 -12.43 15.92 11.84
N ALA A 294 -13.07 16.90 11.21
CA ALA A 294 -13.03 18.26 11.75
C ALA A 294 -13.90 18.39 12.99
N ILE A 295 -15.08 17.78 12.97
CA ILE A 295 -16.00 17.91 14.10
C ILE A 295 -15.44 17.23 15.33
N ASP A 296 -14.80 16.07 15.17
CA ASP A 296 -14.17 15.41 16.31
C ASP A 296 -12.91 16.15 16.75
N ALA A 297 -12.18 16.78 15.82
CA ALA A 297 -11.08 17.64 16.21
C ALA A 297 -11.57 18.81 17.06
N ALA A 298 -12.69 19.40 16.66
CA ALA A 298 -13.23 20.54 17.42
C ALA A 298 -13.68 20.11 18.82
N PHE A 299 -14.08 18.85 18.97
CA PHE A 299 -14.53 18.37 20.27
C PHE A 299 -13.40 18.38 21.29
N TYR A 300 -12.16 18.14 20.84
CA TYR A 300 -11.00 18.11 21.74
C TYR A 300 -10.08 19.30 21.60
N ALA A 301 -10.35 20.21 20.67
CA ALA A 301 -9.42 21.31 20.43
C ALA A 301 -9.19 22.09 21.72
N PRO A 302 -7.95 22.46 22.05
CA PRO A 302 -7.69 23.10 23.35
C PRO A 302 -8.12 24.56 23.44
N THR A 303 -8.30 25.26 22.33
CA THR A 303 -8.62 26.68 22.35
C THR A 303 -9.87 26.94 21.52
N LYS A 304 -10.48 28.11 21.76
CA LYS A 304 -11.61 28.53 20.95
C LYS A 304 -11.20 28.71 19.50
N GLN A 305 -10.01 29.27 19.27
CA GLN A 305 -9.58 29.60 17.91
C GLN A 305 -9.47 28.35 17.05
N LEU A 306 -8.86 27.29 17.60
CA LEU A 306 -8.76 26.03 16.86
C LEU A 306 -10.13 25.41 16.65
N THR A 307 -11.00 25.48 17.66
CA THR A 307 -12.34 24.92 17.55
C THR A 307 -13.11 25.57 16.42
N VAL A 308 -13.09 26.90 16.37
CA VAL A 308 -13.75 27.64 15.29
C VAL A 308 -13.15 27.27 13.95
N THR A 309 -11.82 27.20 13.88
CA THR A 309 -11.16 26.87 12.62
C THR A 309 -11.56 25.48 12.13
N TYR A 310 -11.71 24.53 13.06
CA TYR A 310 -12.18 23.20 12.66
C TYR A 310 -13.63 23.24 12.19
N TRP A 311 -14.50 23.96 12.90
CA TRP A 311 -15.89 24.04 12.47
C TRP A 311 -16.03 24.77 11.16
N GLN A 312 -15.10 25.68 10.85
CA GLN A 312 -15.12 26.38 9.57
C GLN A 312 -14.78 25.45 8.42
N LYS A 313 -14.14 24.32 8.69
CA LYS A 313 -14.00 23.29 7.65
C LYS A 313 -15.35 22.75 7.24
N VAL A 314 -16.31 22.74 8.16
CA VAL A 314 -17.63 22.18 7.90
C VAL A 314 -18.60 23.24 7.38
N PHE A 315 -18.56 24.44 7.96
CA PHE A 315 -19.58 25.46 7.70
C PHE A 315 -19.04 26.74 7.06
N GLY A 316 -17.73 26.82 6.80
CA GLY A 316 -17.20 27.95 6.06
C GLY A 316 -16.93 29.18 6.91
N SER A 317 -16.46 30.23 6.24
CA SER A 317 -16.03 31.44 6.91
C SER A 317 -17.16 32.11 7.70
N SER A 318 -18.41 31.84 7.35
CA SER A 318 -19.52 32.45 8.07
C SER A 318 -19.59 31.99 9.52
N PHE A 319 -19.06 30.81 9.82
CA PHE A 319 -19.09 30.30 11.19
C PHE A 319 -17.98 30.98 12.00
N GLN A 320 -18.37 31.62 13.11
CA GLN A 320 -17.43 32.27 14.00
C GLN A 320 -17.56 31.83 15.45
N GLY A 321 -18.44 30.88 15.74
CA GLY A 321 -18.55 30.33 17.08
C GLY A 321 -19.30 31.21 18.06
N SER B 4 24.24 20.94 -8.21
CA SER B 4 23.10 20.99 -9.16
C SER B 4 21.86 20.33 -8.56
N HIS B 5 22.00 19.06 -8.16
CA HIS B 5 20.87 18.28 -7.65
C HIS B 5 20.93 18.06 -6.14
N HIS B 6 21.84 18.73 -5.42
CA HIS B 6 21.91 18.62 -3.97
C HIS B 6 21.31 19.87 -3.36
N HIS B 7 20.21 19.72 -2.63
CA HIS B 7 19.47 20.83 -2.07
C HIS B 7 19.31 20.65 -0.56
N HIS B 8 19.14 21.77 0.14
CA HIS B 8 18.74 21.74 1.54
C HIS B 8 17.57 22.68 1.75
N HIS B 9 16.82 22.40 2.82
CA HIS B 9 15.70 23.23 3.22
C HIS B 9 16.12 24.69 3.34
N HIS B 10 15.26 25.60 2.89
CA HIS B 10 15.61 27.01 2.88
C HIS B 10 15.85 27.51 4.30
N GLU B 11 16.90 28.32 4.45
CA GLU B 11 17.30 28.76 5.79
C GLU B 11 16.21 29.61 6.44
N ASN B 12 15.56 30.49 5.68
CA ASN B 12 14.53 31.34 6.26
C ASN B 12 13.24 30.58 6.53
N LEU B 13 13.08 29.38 5.96
CA LEU B 13 11.88 28.59 6.18
C LEU B 13 11.90 27.83 7.50
N TYR B 14 13.08 27.69 8.11
CA TYR B 14 13.17 27.05 9.41
C TYR B 14 12.41 27.87 10.45
N PHE B 15 11.67 27.17 11.31
CA PHE B 15 10.98 27.83 12.41
C PHE B 15 11.96 28.08 13.55
N GLN B 16 11.49 28.80 14.58
CA GLN B 16 12.31 29.03 15.76
C GLN B 16 12.82 27.68 16.29
N SER B 17 14.12 27.63 16.56
CA SER B 17 14.77 26.42 17.03
C SER B 17 15.02 26.43 18.54
N ASN B 18 14.60 27.49 19.23
CA ASN B 18 14.88 27.68 20.65
C ASN B 18 13.59 27.65 21.47
N ALA B 19 12.61 26.84 21.07
CA ALA B 19 11.35 26.76 21.77
C ALA B 19 11.47 25.92 23.02
N THR B 20 10.82 26.37 24.10
CA THR B 20 10.78 25.65 25.37
C THR B 20 9.44 24.95 25.48
N PHE B 21 9.47 23.62 25.53
CA PHE B 21 8.24 22.83 25.53
C PHE B 21 7.51 22.97 26.86
N SER B 22 6.23 23.32 26.79
CA SER B 22 5.42 23.62 27.96
C SER B 22 4.18 22.73 27.96
N VAL B 23 3.35 22.89 29.00
CA VAL B 23 2.16 22.06 29.11
C VAL B 23 1.15 22.41 28.03
N THR B 24 1.14 23.67 27.57
CA THR B 24 0.22 24.03 26.49
C THR B 24 0.56 23.30 25.20
N HIS B 25 1.86 23.18 24.89
CA HIS B 25 2.27 22.40 23.73
C HIS B 25 1.90 20.94 23.91
N ALA B 26 2.04 20.41 25.13
CA ALA B 26 1.65 19.03 25.41
C ALA B 26 0.16 18.83 25.13
N ARG B 27 -0.67 19.75 25.62
CA ARG B 27 -2.11 19.62 25.42
C ARG B 27 -2.47 19.73 23.94
N HIS B 28 -1.72 20.53 23.18
CA HIS B 28 -1.99 20.69 21.76
C HIS B 28 -1.74 19.38 21.01
N MET B 29 -0.64 18.69 21.33
CA MET B 29 -0.40 17.38 20.71
C MET B 29 -1.39 16.34 21.21
N ALA B 30 -1.66 16.31 22.51
CA ALA B 30 -2.50 15.26 23.07
C ALA B 30 -3.93 15.37 22.58
N ALA B 31 -4.41 16.59 22.31
CA ALA B 31 -5.76 16.75 21.78
C ALA B 31 -5.90 16.15 20.39
N LYS B 32 -4.82 16.17 19.60
CA LYS B 32 -4.89 15.58 18.26
C LYS B 32 -4.90 14.06 18.32
N VAL B 33 -4.14 13.49 19.27
CA VAL B 33 -4.20 12.04 19.47
C VAL B 33 -5.60 11.63 19.92
N ALA B 34 -6.15 12.32 20.92
CA ALA B 34 -7.52 12.08 21.35
C ALA B 34 -8.48 12.08 20.16
N THR B 35 -8.32 13.04 19.26
CA THR B 35 -9.16 13.09 18.07
C THR B 35 -9.01 11.82 17.26
N ASP B 36 -7.77 11.44 16.96
CA ASP B 36 -7.53 10.19 16.22
C ASP B 36 -8.18 9.01 16.92
N LEU B 37 -8.08 8.95 18.25
CA LEU B 37 -8.70 7.85 18.98
C LEU B 37 -10.22 7.89 18.84
N ARG B 38 -10.82 9.09 18.90
CA ARG B 38 -12.26 9.17 18.72
C ARG B 38 -12.67 8.76 17.32
N ARG B 39 -11.82 9.04 16.32
CA ARG B 39 -12.13 8.60 14.97
C ARG B 39 -12.07 7.07 14.87
N MET B 40 -11.08 6.46 15.52
CA MET B 40 -11.03 5.01 15.59
C MET B 40 -12.30 4.45 16.22
N GLN B 41 -12.76 5.06 17.30
CA GLN B 41 -13.96 4.60 17.98
C GLN B 41 -15.16 4.61 17.04
N ARG B 42 -15.31 5.68 16.24
CA ARG B 42 -16.50 5.80 15.41
C ARG B 42 -16.63 4.64 14.44
N PHE B 43 -15.52 4.13 13.94
CA PHE B 43 -15.54 3.11 12.91
C PHE B 43 -15.19 1.72 13.41
N TYR B 44 -14.76 1.58 14.66
CA TYR B 44 -14.37 0.28 15.17
C TYR B 44 -14.84 0.00 16.60
N GLY B 45 -15.48 0.97 17.26
CA GLY B 45 -16.14 0.72 18.52
C GLY B 45 -15.28 0.93 19.75
N TYR B 46 -13.99 1.22 19.58
CA TYR B 46 -13.05 1.36 20.69
C TYR B 46 -11.97 2.34 20.26
N PRO B 47 -11.33 3.04 21.21
CA PRO B 47 -11.60 3.00 22.65
C PRO B 47 -12.78 3.89 23.03
N SER B 48 -13.26 3.76 24.26
CA SER B 48 -14.42 4.54 24.70
C SER B 48 -14.04 5.97 25.00
N ASP B 49 -15.06 6.84 25.08
CA ASP B 49 -14.84 8.24 25.39
C ASP B 49 -14.08 8.41 26.70
N ALA B 50 -14.43 7.62 27.71
CA ALA B 50 -13.77 7.76 29.01
C ALA B 50 -12.32 7.32 28.93
N ASP B 51 -12.04 6.22 28.22
CA ASP B 51 -10.65 5.81 28.02
C ASP B 51 -9.89 6.87 27.23
N ILE B 52 -10.49 7.42 26.18
CA ILE B 52 -9.83 8.47 25.41
C ILE B 52 -9.45 9.63 26.33
N GLU B 53 -10.37 10.02 27.23
CA GLU B 53 -10.06 11.12 28.14
C GLU B 53 -8.86 10.78 29.01
N ALA B 54 -8.75 9.54 29.47
CA ALA B 54 -7.63 9.16 30.32
C ALA B 54 -6.34 9.06 29.50
N TYR B 55 -6.42 8.58 28.27
CA TYR B 55 -5.25 8.58 27.39
C TYR B 55 -4.74 10.00 27.18
N GLU B 56 -5.65 10.96 27.02
CA GLU B 56 -5.24 12.34 26.79
C GLU B 56 -4.53 12.90 28.02
N GLU B 57 -5.08 12.65 29.22
CA GLU B 57 -4.42 13.08 30.44
C GLU B 57 -3.02 12.47 30.54
N GLU B 58 -2.92 11.16 30.31
CA GLU B 58 -1.63 10.49 30.38
C GLU B 58 -0.64 11.13 29.41
N LEU B 59 -1.07 11.34 28.17
CA LEU B 59 -0.19 11.92 27.15
C LEU B 59 0.34 13.28 27.58
N VAL B 60 -0.53 14.11 28.17
CA VAL B 60 -0.11 15.44 28.61
C VAL B 60 1.01 15.33 29.64
N VAL B 61 0.84 14.44 30.61
CA VAL B 61 1.83 14.31 31.68
C VAL B 61 3.18 13.88 31.12
N PHE B 62 3.18 12.86 30.26
CA PHE B 62 4.44 12.34 29.74
C PHE B 62 5.10 13.33 28.78
N LEU B 63 4.31 13.98 27.93
CA LEU B 63 4.88 14.97 27.02
C LEU B 63 5.45 16.16 27.80
N LYS B 64 4.71 16.65 28.79
CA LYS B 64 5.20 17.77 29.59
C LYS B 64 6.56 17.44 30.19
N ALA B 65 6.71 16.24 30.74
CA ALA B 65 7.95 15.82 31.38
C ALA B 65 9.04 15.43 30.38
N GLY B 66 8.70 15.23 29.11
CA GLY B 66 9.67 14.75 28.15
C GLY B 66 9.98 13.28 28.28
N TYR B 67 9.09 12.51 28.90
CA TYR B 67 9.33 11.11 29.19
C TYR B 67 8.73 10.16 28.15
N LEU B 68 7.98 10.66 27.17
CA LEU B 68 7.38 9.80 26.17
C LEU B 68 8.38 9.56 25.04
N GLY B 69 8.66 8.29 24.76
CA GLY B 69 9.39 7.93 23.57
C GLY B 69 8.45 7.66 22.42
N GLU B 70 7.53 6.72 22.63
CA GLU B 70 6.65 6.23 21.59
C GLU B 70 5.46 5.55 22.26
N VAL B 71 4.28 5.73 21.70
CA VAL B 71 3.08 5.07 22.21
C VAL B 71 2.21 4.64 21.04
N SER B 72 1.66 3.44 21.14
CA SER B 72 0.77 2.89 20.14
C SER B 72 -0.57 2.56 20.79
N TYR B 73 -1.66 2.85 20.07
CA TYR B 73 -3.00 2.47 20.45
C TYR B 73 -3.65 1.75 19.28
N GLY B 74 -4.32 0.64 19.54
CA GLY B 74 -5.15 0.03 18.51
C GLY B 74 -5.40 -1.44 18.78
N PHE B 75 -5.82 -2.12 17.72
CA PHE B 75 -6.24 -3.52 17.81
C PHE B 75 -5.06 -4.45 17.57
N GLN B 76 -4.95 -5.48 18.39
CA GLN B 76 -3.81 -6.37 18.37
C GLN B 76 -4.26 -7.82 18.45
N LYS B 77 -3.77 -8.63 17.52
CA LYS B 77 -4.01 -10.07 17.48
C LYS B 77 -2.75 -10.79 17.93
N ASN B 78 -2.92 -11.83 18.76
CA ASN B 78 -1.77 -12.47 19.39
C ASN B 78 -0.96 -11.38 20.08
N ASN B 79 0.33 -11.25 19.73
CA ASN B 79 1.15 -10.13 20.18
C ASN B 79 1.40 -9.12 19.07
N ASN B 80 0.53 -9.06 18.05
CA ASN B 80 0.79 -8.28 16.85
C ASN B 80 -0.32 -7.27 16.58
N TRP B 81 0.07 -6.02 16.37
CA TRP B 81 -0.86 -4.98 15.94
C TRP B 81 -1.44 -5.31 14.58
N ILE B 82 -2.72 -4.97 14.39
CA ILE B 82 -3.35 -5.00 13.08
C ILE B 82 -3.91 -3.61 12.79
N GLU B 83 -4.35 -3.42 11.56
CA GLU B 83 -5.06 -2.20 11.23
C GLU B 83 -6.47 -2.26 11.82
N PRO B 84 -6.93 -1.21 12.51
CA PRO B 84 -6.24 0.06 12.75
C PRO B 84 -5.40 0.08 14.02
N THR B 85 -4.18 0.61 13.89
CA THR B 85 -3.33 0.90 15.03
C THR B 85 -2.58 2.18 14.72
N LEU B 86 -2.62 3.12 15.66
CA LEU B 86 -1.95 4.41 15.51
C LEU B 86 -0.76 4.47 16.46
N ARG B 87 0.40 4.80 15.91
CA ARG B 87 1.64 4.87 16.67
C ARG B 87 2.19 6.28 16.59
N TYR B 88 2.61 6.82 17.73
CA TYR B 88 3.10 8.19 17.81
C TYR B 88 4.50 8.18 18.40
N THR B 89 5.48 8.62 17.62
CA THR B 89 6.88 8.66 18.03
C THR B 89 7.27 10.10 18.28
N ALA B 90 7.75 10.40 19.49
CA ALA B 90 8.16 11.75 19.82
C ALA B 90 9.52 12.06 19.19
N GLY B 91 9.70 13.31 18.77
CA GLY B 91 10.95 13.72 18.17
C GLY B 91 11.07 15.22 18.17
N ASP B 92 12.20 15.70 17.64
CA ASP B 92 12.45 17.12 17.54
C ASP B 92 11.75 17.70 16.30
N LEU B 93 11.29 18.94 16.42
CA LEU B 93 10.65 19.62 15.31
C LEU B 93 11.68 19.97 14.24
N LEU B 94 11.38 19.61 13.00
CA LEU B 94 12.26 19.88 11.88
C LEU B 94 11.68 20.92 10.93
N GLY B 95 12.57 21.71 10.33
CA GLY B 95 12.19 22.52 9.19
C GLY B 95 11.06 23.46 9.50
N SER B 96 10.07 23.51 8.60
CA SER B 96 8.88 24.33 8.84
C SER B 96 8.05 23.82 10.02
N GLY B 97 8.28 22.58 10.46
CA GLY B 97 7.52 22.05 11.58
C GLY B 97 6.10 21.69 11.21
N THR B 98 5.92 20.66 10.40
CA THR B 98 4.60 20.21 9.98
C THR B 98 3.70 19.96 11.18
N ASP B 99 2.55 20.63 11.20
CA ASP B 99 1.54 20.46 12.25
C ASP B 99 0.20 20.19 11.57
N ASP B 100 -0.04 18.92 11.28
CA ASP B 100 -1.21 18.50 10.51
C ASP B 100 -2.46 18.49 11.38
N ASP B 101 -3.61 18.52 10.71
CA ASP B 101 -4.87 18.25 11.39
C ASP B 101 -4.96 16.76 11.72
N PRO B 102 -5.64 16.40 12.81
CA PRO B 102 -5.86 14.99 13.11
C PRO B 102 -6.87 14.38 12.16
N GLY B 103 -6.89 13.04 12.16
CA GLY B 103 -7.87 12.31 11.37
C GLY B 103 -7.30 11.28 10.42
N LYS B 104 -8.05 11.00 9.35
CA LYS B 104 -7.66 10.03 8.32
C LYS B 104 -7.38 8.66 8.94
N ILE B 105 -8.36 8.18 9.69
CA ILE B 105 -8.44 6.77 10.08
C ILE B 105 -9.17 6.03 8.97
N ARG B 106 -8.60 4.90 8.54
CA ARG B 106 -9.19 4.10 7.47
C ARG B 106 -10.31 3.24 8.03
N PRO B 107 -11.52 3.31 7.45
CA PRO B 107 -12.62 2.47 7.94
C PRO B 107 -12.70 1.14 7.22
N GLY B 108 -13.59 0.28 7.74
CA GLY B 108 -13.95 -0.95 7.05
C GLY B 108 -12.97 -2.10 7.17
N LYS B 109 -12.08 -2.08 8.16
CA LYS B 109 -11.12 -3.15 8.36
C LYS B 109 -11.65 -4.18 9.35
N ASP B 110 -11.18 -5.41 9.18
CA ASP B 110 -11.63 -6.55 9.99
C ASP B 110 -10.80 -6.61 11.27
N VAL B 111 -11.49 -6.54 12.42
CA VAL B 111 -10.84 -6.52 13.72
C VAL B 111 -11.40 -7.61 14.63
N SER B 112 -12.03 -8.63 14.05
CA SER B 112 -12.87 -9.54 14.83
C SER B 112 -12.09 -10.24 15.93
N GLY B 113 -10.89 -10.74 15.62
CA GLY B 113 -10.16 -11.53 16.62
C GLY B 113 -9.44 -10.72 17.66
N ALA B 114 -9.12 -9.47 17.36
CA ALA B 114 -8.28 -8.68 18.24
C ALA B 114 -9.09 -7.92 19.27
N SER B 115 -8.39 -7.47 20.31
CA SER B 115 -8.92 -6.57 21.31
C SER B 115 -8.07 -5.30 21.28
N PHE B 116 -8.65 -4.21 21.77
CA PHE B 116 -7.92 -2.95 21.78
C PHE B 116 -6.86 -2.96 22.86
N TYR B 117 -5.70 -2.36 22.55
CA TYR B 117 -4.62 -2.22 23.50
C TYR B 117 -3.89 -0.92 23.26
N SER B 118 -3.07 -0.53 24.25
CA SER B 118 -2.12 0.56 24.09
C SER B 118 -0.81 0.14 24.74
N PHE B 119 0.28 0.66 24.19
CA PHE B 119 1.63 0.24 24.59
C PHE B 119 2.55 1.44 24.48
N MET B 120 3.24 1.77 25.56
CA MET B 120 4.11 2.94 25.60
C MET B 120 5.56 2.54 25.79
N THR B 121 6.45 3.27 25.12
CA THR B 121 7.88 3.18 25.33
C THR B 121 8.37 4.53 25.85
N TYR B 122 9.07 4.52 26.98
CA TYR B 122 9.54 5.75 27.59
C TYR B 122 10.81 6.24 26.91
N SER B 123 11.09 7.52 27.06
CA SER B 123 12.23 8.14 26.41
C SER B 123 13.50 7.91 27.21
N SER B 124 14.63 8.32 26.61
CA SER B 124 15.90 8.26 27.32
C SER B 124 15.90 9.18 28.53
N LYS B 125 15.28 10.36 28.41
CA LYS B 125 15.20 11.27 29.55
C LYS B 125 14.51 10.61 30.73
N TYR B 126 13.48 9.80 30.47
CA TYR B 126 12.82 9.08 31.55
C TYR B 126 13.77 8.07 32.19
N LEU B 127 14.44 7.26 31.37
CA LEU B 127 15.30 6.22 31.90
C LEU B 127 16.46 6.80 32.70
N ASN B 128 16.91 8.00 32.36
CA ASN B 128 17.98 8.66 33.10
C ASN B 128 17.49 9.43 34.32
N ALA B 129 16.18 9.63 34.45
CA ALA B 129 15.65 10.41 35.56
C ALA B 129 15.80 9.66 36.88
N THR B 130 15.98 10.43 37.96
CA THR B 130 16.02 9.85 39.29
C THR B 130 14.61 9.42 39.70
N GLN B 131 14.54 8.59 40.74
CA GLN B 131 13.23 8.17 41.24
C GLN B 131 12.42 9.38 41.70
N SER B 132 13.07 10.31 42.40
CA SER B 132 12.37 11.48 42.90
C SER B 132 11.86 12.35 41.75
N GLU B 133 12.67 12.53 40.70
CA GLU B 133 12.21 13.30 39.55
C GLU B 133 10.98 12.66 38.91
N LYS B 134 10.97 11.33 38.81
CA LYS B 134 9.81 10.64 38.26
C LYS B 134 8.58 10.87 39.12
N ASP B 135 8.72 10.75 40.44
CA ASP B 135 7.57 10.87 41.33
C ASP B 135 6.93 12.25 41.21
N THR B 136 7.73 13.31 41.15
CA THR B 136 7.17 14.65 41.05
C THR B 136 6.52 14.88 39.69
N ALA B 137 7.15 14.40 38.62
CA ALA B 137 6.64 14.67 37.28
C ALA B 137 5.38 13.89 36.95
N LEU B 138 5.20 12.71 37.55
CA LEU B 138 4.15 11.78 37.17
C LEU B 138 3.07 11.65 38.23
N LYS B 139 3.00 12.58 39.17
CA LYS B 139 2.00 12.50 40.23
C LYS B 139 0.58 12.42 39.67
N ASP B 140 0.31 13.18 38.61
CA ASP B 140 -1.05 13.32 38.09
C ASP B 140 -1.43 12.25 37.08
N LEU B 141 -0.68 11.16 36.98
CA LEU B 141 -1.00 10.14 36.00
C LEU B 141 -2.38 9.54 36.29
N PRO B 142 -3.23 9.36 35.27
CA PRO B 142 -4.55 8.76 35.52
C PRO B 142 -4.48 7.27 35.78
N PHE B 143 -3.46 6.59 35.29
CA PHE B 143 -3.23 5.18 35.61
C PHE B 143 -1.74 4.90 35.44
N LYS B 144 -1.33 3.74 35.93
CA LYS B 144 0.05 3.28 35.84
C LYS B 144 0.11 2.07 34.92
N ARG B 145 1.18 1.97 34.15
CA ARG B 145 1.36 0.89 33.20
C ARG B 145 2.25 -0.19 33.79
N VAL B 146 2.02 -1.43 33.35
CA VAL B 146 2.81 -2.58 33.76
C VAL B 146 3.61 -3.07 32.56
N GLY B 147 4.84 -3.50 32.81
CA GLY B 147 5.64 -4.06 31.73
C GLY B 147 4.96 -5.21 31.04
N ALA B 148 5.25 -5.37 29.76
CA ALA B 148 4.73 -6.48 28.96
C ALA B 148 5.64 -6.61 27.74
N GLN B 149 5.59 -7.79 27.12
CA GLN B 149 6.44 -8.04 25.96
C GLN B 149 6.03 -7.13 24.81
N SER B 150 7.02 -6.56 24.15
CA SER B 150 6.74 -5.65 23.04
C SER B 150 5.99 -6.41 21.95
N PRO B 151 4.90 -5.85 21.41
CA PRO B 151 4.14 -6.53 20.36
C PRO B 151 4.78 -6.36 18.99
N GLY B 152 4.32 -7.18 18.05
CA GLY B 152 4.72 -7.10 16.67
C GLY B 152 3.70 -6.36 15.82
N ILE B 153 3.92 -6.41 14.51
CA ILE B 153 3.04 -5.75 13.54
C ILE B 153 2.65 -6.76 12.47
N ASN B 154 1.34 -6.94 12.26
CA ASN B 154 0.80 -7.73 11.16
C ASN B 154 0.37 -6.73 10.07
N GLY B 155 1.32 -6.36 9.22
CA GLY B 155 1.12 -5.38 8.19
C GLY B 155 2.33 -4.48 8.10
N TYR B 156 2.17 -3.33 7.47
CA TYR B 156 3.23 -2.34 7.35
C TYR B 156 2.80 -1.02 7.97
N LEU B 157 3.77 -0.14 8.18
CA LEU B 157 3.56 1.15 8.82
C LEU B 157 3.58 2.26 7.77
N GLU B 158 2.52 3.07 7.75
CA GLU B 158 2.46 4.24 6.89
C GLU B 158 2.61 5.49 7.75
N ASN B 159 3.62 6.30 7.43
CA ASN B 159 3.85 7.57 8.12
C ASN B 159 2.99 8.64 7.46
N ASP B 160 1.88 8.99 8.10
CA ASP B 160 0.83 9.79 7.46
C ASP B 160 0.49 11.08 8.18
N LYS B 161 1.07 11.35 9.35
CA LYS B 161 0.78 12.63 10.00
C LYS B 161 1.94 13.03 10.92
N THR B 162 2.08 14.33 11.09
CA THR B 162 3.01 14.92 12.05
C THR B 162 2.29 16.02 12.83
N TYR B 163 2.31 15.93 14.15
CA TYR B 163 1.81 16.97 15.03
C TYR B 163 3.00 17.64 15.71
N SER B 164 2.98 18.97 15.77
CA SER B 164 4.15 19.73 16.23
C SER B 164 3.74 20.86 17.15
N ALA B 165 4.58 21.13 18.14
CA ALA B 165 4.38 22.23 19.07
C ALA B 165 5.61 22.39 19.95
N GLY B 166 5.97 23.63 20.26
CA GLY B 166 7.05 23.93 21.17
C GLY B 166 8.36 23.26 20.83
N GLY B 167 8.76 23.33 19.57
CA GLY B 167 10.02 22.75 19.13
C GLY B 167 10.06 21.24 19.07
N ARG B 168 8.92 20.57 19.26
CA ARG B 168 8.85 19.13 19.28
C ARG B 168 7.78 18.65 18.32
N SER B 169 7.94 17.40 17.87
CA SER B 169 7.00 16.79 16.94
C SER B 169 6.58 15.41 17.42
N LEU B 170 5.35 15.03 17.07
CA LEU B 170 4.89 13.66 17.18
C LEU B 170 4.68 13.13 15.76
N THR B 171 5.36 12.05 15.44
CA THR B 171 5.26 11.43 14.12
C THR B 171 4.31 10.24 14.21
N ARG B 172 3.24 10.27 13.42
CA ARG B 172 2.24 9.20 13.44
C ARG B 172 2.51 8.22 12.31
N THR B 173 2.59 6.94 12.66
CA THR B 173 2.51 5.86 11.69
C THR B 173 1.25 5.06 11.95
N SER B 174 0.55 4.70 10.88
CA SER B 174 -0.65 3.89 10.95
C SER B 174 -0.33 2.51 10.41
N VAL B 175 -0.74 1.47 11.15
CA VAL B 175 -0.57 0.11 10.68
C VAL B 175 -1.53 -0.13 9.51
N ARG B 176 -1.03 -0.76 8.45
CA ARG B 176 -1.80 -1.04 7.26
C ARG B 176 -1.74 -2.53 6.96
N ASN B 177 -2.89 -3.12 6.67
CA ASN B 177 -2.92 -4.53 6.29
C ASN B 177 -2.20 -4.75 4.96
N PHE B 178 -1.60 -5.92 4.83
CA PHE B 178 -1.04 -6.34 3.56
C PHE B 178 -2.17 -6.56 2.55
N VAL B 179 -2.08 -5.89 1.41
CA VAL B 179 -3.05 -6.08 0.34
C VAL B 179 -2.36 -5.88 -1.01
N SER C 2 33.59 -4.12 4.21
CA SER C 2 33.77 -3.51 2.89
C SER C 2 34.73 -4.34 2.04
N THR C 3 35.12 -3.78 0.88
CA THR C 3 36.01 -4.51 -0.02
C THR C 3 37.38 -4.74 0.60
N GLU C 4 37.80 -3.89 1.54
CA GLU C 4 39.07 -4.12 2.22
C GLU C 4 39.03 -5.37 3.08
N HIS C 5 37.85 -5.79 3.52
CA HIS C 5 37.69 -6.94 4.39
C HIS C 5 37.38 -8.20 3.63
N VAL C 6 36.55 -8.11 2.59
CA VAL C 6 36.19 -9.23 1.75
C VAL C 6 36.02 -8.70 0.32
N ASP C 7 36.83 -9.22 -0.60
CA ASP C 7 36.72 -8.81 -1.99
C ASP C 7 36.73 -10.03 -2.90
N HIS C 8 36.94 -9.82 -4.19
CA HIS C 8 36.90 -10.93 -5.15
C HIS C 8 37.87 -12.04 -4.75
N LYS C 9 39.08 -11.66 -4.33
CA LYS C 9 40.10 -12.67 -4.00
C LYS C 9 39.67 -13.51 -2.82
N THR C 10 39.00 -12.91 -1.83
CA THR C 10 38.46 -13.67 -0.72
C THR C 10 37.46 -14.71 -1.19
N ILE C 11 36.54 -14.31 -2.08
CA ILE C 11 35.53 -15.23 -2.58
C ILE C 11 36.18 -16.35 -3.39
N ALA C 12 37.16 -16.01 -4.23
CA ALA C 12 37.83 -17.03 -5.03
C ALA C 12 38.50 -18.07 -4.15
N ARG C 13 39.04 -17.62 -3.01
CA ARG C 13 39.74 -18.51 -2.08
C ARG C 13 38.77 -19.35 -1.27
N PHE C 14 37.65 -18.76 -0.84
CA PHE C 14 36.58 -19.54 -0.22
C PHE C 14 36.06 -20.61 -1.18
N ALA C 15 35.97 -20.28 -2.47
CA ALA C 15 35.50 -21.25 -3.45
C ALA C 15 36.42 -22.46 -3.51
N GLU C 16 37.73 -22.22 -3.54
CA GLU C 16 38.67 -23.34 -3.58
C GLU C 16 38.65 -24.13 -2.28
N ASP C 17 38.52 -23.45 -1.15
CA ASP C 17 38.59 -24.13 0.14
C ASP C 17 37.34 -24.95 0.42
N LYS C 18 36.17 -24.44 0.05
CA LYS C 18 34.93 -25.00 0.57
C LYS C 18 33.90 -25.40 -0.49
N VAL C 19 33.93 -24.74 -1.65
CA VAL C 19 32.85 -24.88 -2.63
C VAL C 19 33.17 -25.93 -3.68
N ASN C 20 34.34 -25.83 -4.32
CA ASN C 20 34.64 -26.67 -5.47
C ASN C 20 34.99 -28.09 -5.05
N LEU C 21 34.71 -29.02 -5.96
CA LEU C 21 35.16 -30.40 -5.78
C LEU C 21 36.65 -30.48 -6.08
N PRO C 22 37.49 -30.88 -5.11
CA PRO C 22 38.93 -30.95 -5.40
C PRO C 22 39.22 -31.87 -6.57
N LYS C 23 40.28 -31.54 -7.33
CA LYS C 23 40.54 -32.27 -8.56
C LYS C 23 40.85 -33.74 -8.28
N VAL C 24 41.57 -34.04 -7.20
CA VAL C 24 41.88 -35.43 -6.88
C VAL C 24 40.59 -36.24 -6.77
N LYS C 25 39.59 -35.70 -6.07
CA LYS C 25 38.31 -36.40 -5.98
C LYS C 25 37.63 -36.49 -7.34
N ALA C 26 37.66 -35.40 -8.11
CA ALA C 26 37.02 -35.41 -9.42
C ALA C 26 37.66 -36.43 -10.34
N ASP C 27 38.99 -36.59 -10.26
CA ASP C 27 39.66 -37.60 -11.07
C ASP C 27 39.24 -39.00 -10.65
N ASP C 28 39.15 -39.26 -9.35
CA ASP C 28 38.67 -40.56 -8.87
C ASP C 28 37.28 -40.85 -9.42
N PHE C 29 36.39 -39.86 -9.36
CA PHE C 29 35.01 -40.07 -9.79
C PHE C 29 34.95 -40.33 -11.29
N ARG C 30 35.70 -39.57 -12.08
CA ARG C 30 35.75 -39.82 -13.52
C ARG C 30 36.25 -41.23 -13.82
N GLU C 31 37.28 -41.68 -13.10
CA GLU C 31 37.81 -43.02 -13.33
C GLU C 31 36.78 -44.08 -12.96
N GLN C 32 36.00 -43.84 -11.90
CA GLN C 32 34.88 -44.73 -11.59
C GLN C 32 33.95 -44.86 -12.78
N ALA C 33 33.49 -43.72 -13.30
CA ALA C 33 32.60 -43.72 -14.45
C ALA C 33 33.29 -44.34 -15.67
N LYS C 34 34.55 -43.99 -15.89
CA LYS C 34 35.25 -44.48 -17.07
C LYS C 34 35.37 -45.99 -17.06
N ARG C 35 35.55 -46.58 -15.87
CA ARG C 35 35.69 -48.02 -15.75
C ARG C 35 34.42 -48.74 -16.21
N LEU C 36 33.26 -48.20 -15.86
CA LEU C 36 32.01 -48.78 -16.32
C LEU C 36 31.81 -48.56 -17.81
N GLN C 37 32.15 -47.37 -18.31
CA GLN C 37 31.99 -47.07 -19.72
C GLN C 37 32.85 -47.98 -20.57
N ASN C 38 34.11 -48.18 -20.18
CA ASN C 38 34.99 -49.05 -20.96
C ASN C 38 34.52 -50.50 -20.89
N LYS C 39 33.98 -50.92 -19.75
CA LYS C 39 33.45 -52.28 -19.64
C LYS C 39 32.23 -52.46 -20.53
N LEU C 40 31.38 -51.43 -20.62
CA LEU C 40 30.23 -51.52 -21.53
C LEU C 40 30.67 -51.51 -22.98
N GLU C 41 31.66 -50.67 -23.32
CA GLU C 41 32.14 -50.65 -24.70
C GLU C 41 32.67 -52.02 -25.11
N GLY C 42 33.44 -52.65 -24.23
CA GLY C 42 33.97 -53.97 -24.55
C GLY C 42 32.88 -55.02 -24.66
N TYR C 43 31.91 -55.00 -23.73
CA TYR C 43 30.81 -55.94 -23.80
C TYR C 43 30.02 -55.74 -25.09
N LEU C 44 29.69 -54.49 -25.40
CA LEU C 44 28.89 -54.21 -26.59
C LEU C 44 29.62 -54.63 -27.86
N SER C 45 30.95 -54.45 -27.88
CA SER C 45 31.75 -54.92 -29.00
C SER C 45 31.60 -56.42 -29.19
N ASP C 46 31.63 -57.19 -28.09
CA ASP C 46 31.47 -58.63 -28.19
C ASP C 46 30.03 -59.02 -28.51
N HIS C 47 29.05 -58.24 -28.05
CA HIS C 47 27.63 -58.55 -28.22
C HIS C 47 26.95 -57.37 -28.91
N PRO C 48 27.10 -57.24 -30.23
CA PRO C 48 26.53 -56.07 -30.92
C PRO C 48 25.03 -55.89 -30.73
N ASP C 49 24.29 -56.97 -30.46
CA ASP C 49 22.85 -56.88 -30.28
C ASP C 49 22.44 -56.41 -28.88
N PHE C 50 23.41 -56.12 -28.01
CA PHE C 50 23.10 -55.76 -26.63
C PHE C 50 22.38 -54.41 -26.56
N SER C 51 21.41 -54.33 -25.65
CA SER C 51 20.51 -53.17 -25.61
C SER C 51 21.25 -51.88 -25.24
N LEU C 52 22.23 -51.96 -24.34
CA LEU C 52 22.86 -50.76 -23.81
C LEU C 52 23.94 -50.30 -24.78
N LYS C 53 23.74 -49.14 -25.41
CA LYS C 53 24.58 -48.69 -26.51
C LYS C 53 25.67 -47.72 -26.09
N ARG C 54 25.54 -47.05 -24.95
CA ARG C 54 26.55 -46.09 -24.55
C ARG C 54 26.24 -45.59 -23.15
N MET C 55 27.30 -45.18 -22.45
CA MET C 55 27.20 -44.55 -21.14
C MET C 55 27.98 -43.25 -21.20
N ILE C 56 27.31 -42.13 -20.94
CA ILE C 56 27.90 -40.80 -21.06
C ILE C 56 27.81 -40.11 -19.70
N PRO C 57 28.92 -39.70 -19.10
CA PRO C 57 28.84 -38.81 -17.93
C PRO C 57 28.06 -37.55 -18.29
N SER C 58 27.08 -37.21 -17.45
CA SER C 58 26.01 -36.31 -17.85
C SER C 58 25.74 -35.17 -16.88
N GLY C 59 26.33 -35.15 -15.70
CA GLY C 59 25.97 -34.17 -14.70
C GLY C 59 27.03 -33.12 -14.44
N SER C 60 27.05 -32.61 -13.21
CA SER C 60 27.92 -31.49 -12.88
C SER C 60 29.40 -31.86 -13.04
N LEU C 61 29.75 -33.10 -12.71
CA LEU C 61 31.13 -33.54 -12.90
C LEU C 61 31.53 -33.48 -14.36
N ALA C 62 30.65 -33.91 -15.26
CA ALA C 62 30.95 -33.85 -16.69
C ALA C 62 31.06 -32.41 -17.18
N LYS C 63 30.31 -31.49 -16.57
CA LYS C 63 30.28 -30.10 -16.97
C LYS C 63 31.34 -29.25 -16.27
N GLY C 64 32.10 -29.81 -15.34
CA GLY C 64 33.04 -29.01 -14.57
C GLY C 64 32.39 -28.07 -13.57
N THR C 65 31.17 -28.38 -13.11
CA THR C 65 30.42 -27.51 -12.21
C THR C 65 30.09 -28.19 -10.88
N ALA C 66 30.81 -29.25 -10.52
CA ALA C 66 30.49 -30.01 -9.34
C ALA C 66 30.92 -29.29 -8.07
N LEU C 67 30.21 -29.56 -6.99
CA LEU C 67 30.53 -29.04 -5.67
C LEU C 67 31.24 -30.12 -4.86
N ARG C 68 31.95 -29.67 -3.82
CA ARG C 68 32.59 -30.60 -2.89
C ARG C 68 31.57 -31.58 -2.30
N SER C 69 30.31 -31.17 -2.22
CA SER C 69 29.22 -31.98 -1.67
C SER C 69 28.63 -32.96 -2.68
N LEU C 70 29.22 -33.11 -3.87
CA LEU C 70 28.69 -34.05 -4.86
C LEU C 70 28.48 -35.42 -4.22
N ASN C 71 27.26 -35.94 -4.30
CA ASN C 71 26.91 -37.16 -3.59
C ASN C 71 26.86 -38.41 -4.47
N ASP C 72 26.82 -38.26 -5.80
CA ASP C 72 26.96 -39.41 -6.69
C ASP C 72 27.41 -38.93 -8.06
N ILE C 73 27.71 -39.89 -8.93
CA ILE C 73 28.26 -39.61 -10.25
C ILE C 73 27.17 -39.87 -11.28
N ASP C 74 26.81 -38.83 -12.03
CA ASP C 74 25.74 -38.94 -13.03
C ASP C 74 26.29 -39.50 -14.34
N VAL C 75 25.63 -40.54 -14.85
CA VAL C 75 25.85 -40.98 -16.22
C VAL C 75 24.50 -41.30 -16.85
N ALA C 76 24.42 -41.09 -18.16
CA ALA C 76 23.27 -41.46 -18.96
C ALA C 76 23.60 -42.73 -19.73
N VAL C 77 22.66 -43.66 -19.76
CA VAL C 77 22.82 -44.91 -20.50
C VAL C 77 21.76 -44.97 -21.58
N TYR C 78 22.19 -45.17 -22.82
CA TYR C 78 21.31 -45.16 -23.97
C TYR C 78 20.82 -46.57 -24.24
N ILE C 79 19.50 -46.74 -24.27
CA ILE C 79 18.85 -48.03 -24.34
C ILE C 79 18.07 -48.08 -25.65
N SER C 80 18.46 -48.99 -26.54
CA SER C 80 17.76 -49.17 -27.79
C SER C 80 17.09 -50.54 -27.79
N GLY C 81 16.44 -50.87 -28.90
CA GLY C 81 15.70 -52.10 -29.01
C GLY C 81 14.26 -51.95 -28.54
N SER C 82 13.52 -53.04 -28.65
CA SER C 82 12.11 -53.08 -28.29
C SER C 82 11.84 -53.98 -27.10
N ASP C 83 12.88 -54.52 -26.47
CA ASP C 83 12.71 -55.35 -25.29
C ASP C 83 12.38 -54.55 -24.03
N ALA C 84 12.69 -53.27 -24.01
CA ALA C 84 12.47 -52.45 -22.84
C ALA C 84 10.98 -52.18 -22.63
N PRO C 85 10.40 -52.52 -21.49
CA PRO C 85 8.98 -52.22 -21.27
C PRO C 85 8.73 -50.72 -21.20
N GLN C 86 7.45 -50.36 -21.35
CA GLN C 86 7.07 -48.95 -21.43
C GLN C 86 7.09 -48.28 -20.07
N ASP C 87 6.50 -48.92 -19.07
CA ASP C 87 6.30 -48.28 -17.78
C ASP C 87 7.63 -48.07 -17.06
N LEU C 88 7.67 -47.04 -16.22
CA LEU C 88 8.91 -46.63 -15.58
C LEU C 88 9.51 -47.77 -14.75
N ARG C 89 8.69 -48.45 -13.95
CA ARG C 89 9.21 -49.49 -13.08
C ARG C 89 9.83 -50.63 -13.89
N GLY C 90 9.15 -51.06 -14.95
CA GLY C 90 9.70 -52.12 -15.78
C GLY C 90 10.98 -51.70 -16.49
N LEU C 91 11.01 -50.46 -16.98
CA LEU C 91 12.20 -49.97 -17.66
C LEU C 91 13.41 -49.97 -16.73
N LEU C 92 13.25 -49.43 -15.51
CA LEU C 92 14.36 -49.40 -14.56
C LEU C 92 14.74 -50.81 -14.14
N ASP C 93 13.76 -51.71 -14.01
CA ASP C 93 14.07 -53.12 -13.76
C ASP C 93 14.82 -53.72 -14.94
N TYR C 94 14.37 -53.43 -16.16
CA TYR C 94 15.06 -53.90 -17.35
C TYR C 94 16.50 -53.37 -17.41
N LEU C 95 16.67 -52.08 -17.12
CA LEU C 95 18.02 -51.51 -17.13
C LEU C 95 18.89 -52.16 -16.09
N ALA C 96 18.37 -52.36 -14.87
CA ALA C 96 19.12 -53.06 -13.84
C ALA C 96 19.59 -54.41 -14.35
N ASP C 97 18.70 -55.14 -15.04
CA ASP C 97 19.03 -56.48 -15.53
C ASP C 97 20.13 -56.41 -16.59
N ARG C 98 20.00 -55.50 -17.55
CA ARG C 98 21.01 -55.38 -18.59
C ARG C 98 22.35 -54.92 -18.01
N LEU C 99 22.33 -54.09 -16.97
CA LEU C 99 23.58 -53.67 -16.34
C LEU C 99 24.29 -54.86 -15.69
N ARG C 100 23.54 -55.72 -15.00
CA ARG C 100 24.15 -56.90 -14.39
C ARG C 100 24.72 -57.84 -15.45
N LYS C 101 24.03 -57.98 -16.58
CA LYS C 101 24.53 -58.81 -17.66
C LYS C 101 25.88 -58.28 -18.18
N ALA C 102 26.02 -56.96 -18.26
CA ALA C 102 27.24 -56.37 -18.79
C ALA C 102 28.37 -56.29 -17.76
N PHE C 103 28.04 -56.24 -16.48
CA PHE C 103 29.03 -56.19 -15.40
C PHE C 103 28.83 -57.40 -14.51
N PRO C 104 29.09 -58.61 -15.04
CA PRO C 104 28.83 -59.82 -14.24
C PRO C 104 29.73 -59.94 -13.03
N ASN C 105 30.82 -59.16 -12.96
CA ASN C 105 31.68 -59.19 -11.78
C ASN C 105 31.03 -58.51 -10.59
N PHE C 106 30.17 -57.51 -10.83
CA PHE C 106 29.50 -56.82 -9.74
C PHE C 106 28.53 -57.77 -9.04
N SER C 107 28.47 -57.66 -7.72
CA SER C 107 27.43 -58.35 -6.97
C SER C 107 26.08 -57.79 -7.40
N PRO C 108 25.12 -58.65 -7.77
CA PRO C 108 23.85 -58.11 -8.31
C PRO C 108 23.16 -57.13 -7.38
N ASP C 109 23.26 -57.35 -6.06
CA ASP C 109 22.69 -56.42 -5.11
C ASP C 109 23.25 -55.01 -5.25
N GLN C 110 24.43 -54.85 -5.84
CA GLN C 110 25.02 -53.52 -6.01
C GLN C 110 24.33 -52.69 -7.08
N VAL C 111 23.45 -53.29 -7.87
CA VAL C 111 22.68 -52.58 -8.90
C VAL C 111 21.26 -52.47 -8.38
N LYS C 112 20.84 -51.24 -8.07
CA LYS C 112 19.60 -50.98 -7.34
C LYS C 112 18.72 -49.99 -8.10
N PRO C 113 17.57 -50.41 -8.63
CA PRO C 113 16.64 -49.44 -9.19
C PRO C 113 16.19 -48.43 -8.14
N GLN C 114 16.07 -47.18 -8.56
CA GLN C 114 15.56 -46.08 -7.75
C GLN C 114 14.24 -45.60 -8.35
N THR C 115 13.89 -44.35 -8.08
CA THR C 115 12.62 -43.82 -8.56
C THR C 115 12.65 -43.59 -10.07
N TYR C 116 13.66 -42.84 -10.54
CA TYR C 116 13.77 -42.49 -11.96
C TYR C 116 15.11 -42.90 -12.54
N SER C 117 15.87 -43.75 -11.86
CA SER C 117 17.23 -44.08 -12.28
C SER C 117 17.60 -45.42 -11.65
N VAL C 118 18.85 -45.85 -11.91
CA VAL C 118 19.39 -47.07 -11.33
C VAL C 118 20.74 -46.73 -10.71
N THR C 119 20.93 -47.12 -9.46
CA THR C 119 22.17 -46.89 -8.74
C THR C 119 23.11 -48.08 -8.91
N VAL C 120 24.39 -47.78 -9.11
CA VAL C 120 25.44 -48.79 -9.10
C VAL C 120 26.40 -48.41 -7.97
N SER C 121 26.49 -49.29 -6.96
CA SER C 121 27.27 -49.00 -5.76
C SER C 121 28.65 -49.65 -5.86
N PHE C 122 29.67 -48.90 -5.50
CA PHE C 122 31.05 -49.39 -5.45
C PHE C 122 31.41 -49.66 -3.99
N ARG C 123 31.85 -50.89 -3.72
CA ARG C 123 32.05 -51.30 -2.34
C ARG C 123 33.08 -50.42 -1.63
N GLY C 124 34.22 -50.19 -2.27
CA GLY C 124 35.35 -49.59 -1.58
C GLY C 124 35.72 -48.19 -1.99
N SER C 125 35.63 -47.25 -1.05
CA SER C 125 36.12 -45.89 -1.23
C SER C 125 35.60 -45.25 -2.52
N GLY C 126 34.30 -45.41 -2.77
CA GLY C 126 33.71 -44.85 -3.96
C GLY C 126 32.32 -44.30 -3.74
N LEU C 127 32.00 -43.22 -4.44
CA LEU C 127 30.63 -42.73 -4.56
C LEU C 127 29.83 -43.69 -5.43
N ASP C 128 28.51 -43.65 -5.28
CA ASP C 128 27.64 -44.41 -6.16
C ASP C 128 27.58 -43.75 -7.53
N VAL C 129 27.31 -44.55 -8.55
CA VAL C 129 27.03 -44.06 -9.89
C VAL C 129 25.53 -44.09 -10.10
N ASP C 130 24.96 -42.95 -10.49
CA ASP C 130 23.52 -42.80 -10.68
C ASP C 130 23.25 -42.78 -12.18
N ILE C 131 22.59 -43.82 -12.68
CA ILE C 131 22.43 -44.03 -14.10
C ILE C 131 21.02 -43.61 -14.51
N VAL C 132 20.93 -42.62 -15.39
CA VAL C 132 19.66 -42.12 -15.89
C VAL C 132 19.40 -42.75 -17.25
N PRO C 133 18.25 -43.40 -17.45
CA PRO C 133 17.98 -44.02 -18.75
C PRO C 133 17.66 -43.00 -19.82
N VAL C 134 18.10 -43.30 -21.05
CA VAL C 134 17.75 -42.53 -22.24
C VAL C 134 17.30 -43.54 -23.30
N LEU C 135 16.04 -43.47 -23.70
CA LEU C 135 15.57 -44.32 -24.79
C LEU C 135 16.13 -43.81 -26.10
N TYR C 136 16.80 -44.69 -26.85
CA TYR C 136 17.60 -44.30 -27.99
C TYR C 136 17.21 -45.09 -29.23
N SER C 137 17.14 -44.40 -30.37
CA SER C 137 16.81 -45.02 -31.64
C SER C 137 17.78 -44.60 -32.74
N GLY C 138 19.04 -44.33 -32.38
CA GLY C 138 20.08 -44.11 -33.37
C GLY C 138 20.18 -42.70 -33.92
N LEU C 139 19.44 -41.73 -33.37
CA LEU C 139 19.46 -40.39 -33.93
C LEU C 139 20.82 -39.72 -33.69
N PRO C 140 21.15 -38.70 -34.50
CA PRO C 140 22.45 -38.04 -34.36
C PRO C 140 22.58 -37.32 -33.02
N ASP C 141 23.84 -37.12 -32.63
CA ASP C 141 24.19 -36.42 -31.40
C ASP C 141 23.62 -37.11 -30.17
N TRP C 142 23.38 -38.43 -30.27
CA TRP C 142 22.79 -39.21 -29.20
C TRP C 142 21.50 -38.56 -28.70
N ARG C 143 20.74 -38.00 -29.63
CA ARG C 143 19.40 -37.54 -29.33
C ARG C 143 18.53 -38.72 -28.91
N GLY C 144 17.81 -38.56 -27.81
CA GLY C 144 16.89 -39.58 -27.36
C GLY C 144 16.01 -39.01 -26.28
N HIS C 145 15.17 -39.87 -25.71
CA HIS C 145 14.21 -39.46 -24.70
C HIS C 145 14.77 -39.75 -23.32
N LEU C 146 15.27 -38.71 -22.68
CA LEU C 146 15.73 -38.79 -21.30
C LEU C 146 14.55 -38.92 -20.36
N ILE C 147 14.75 -39.66 -19.28
CA ILE C 147 13.74 -39.77 -18.23
C ILE C 147 14.04 -38.69 -17.19
N SER C 148 13.08 -37.79 -17.00
CA SER C 148 13.28 -36.69 -16.07
C SER C 148 13.51 -37.23 -14.67
N GLN C 149 14.53 -36.71 -14.00
CA GLN C 149 14.77 -37.03 -12.60
C GLN C 149 13.88 -36.22 -11.66
N GLU C 150 13.01 -35.38 -12.21
CA GLU C 150 12.02 -34.63 -11.43
C GLU C 150 10.71 -35.40 -11.31
N ASP C 151 10.14 -35.83 -12.45
CA ASP C 151 8.85 -36.53 -12.43
C ASP C 151 8.82 -37.72 -13.38
N GLY C 152 9.94 -38.13 -13.95
CA GLY C 152 9.97 -39.30 -14.81
C GLY C 152 9.40 -39.11 -16.19
N SER C 153 9.04 -37.89 -16.58
CA SER C 153 8.57 -37.64 -17.93
C SER C 153 9.70 -37.84 -18.94
N PHE C 154 9.32 -38.18 -20.16
CA PHE C 154 10.27 -38.36 -21.25
C PHE C 154 10.62 -37.00 -21.84
N LEU C 155 11.90 -36.65 -21.80
CA LEU C 155 12.39 -35.39 -22.38
C LEU C 155 13.29 -35.71 -23.57
N GLU C 156 12.83 -35.34 -24.76
CA GLU C 156 13.65 -35.52 -25.95
C GLU C 156 14.74 -34.44 -25.97
N THR C 157 15.99 -34.86 -25.87
CA THR C 157 17.10 -33.91 -25.81
C THR C 157 18.39 -34.63 -26.18
N SER C 158 19.51 -33.93 -26.04
CA SER C 158 20.83 -34.46 -26.38
C SER C 158 21.79 -34.03 -25.28
N ILE C 159 22.28 -35.00 -24.51
CA ILE C 159 23.21 -34.72 -23.43
C ILE C 159 24.54 -34.24 -24.00
N PRO C 160 25.06 -34.84 -25.08
CA PRO C 160 26.29 -34.28 -25.69
C PRO C 160 26.14 -32.82 -26.08
N LEU C 161 25.04 -32.45 -26.73
CA LEU C 161 24.84 -31.04 -27.09
C LEU C 161 24.72 -30.17 -25.86
N HIS C 162 24.13 -30.69 -24.77
CA HIS C 162 24.11 -29.94 -23.52
C HIS C 162 25.52 -29.70 -23.01
N LEU C 163 26.37 -30.74 -23.06
CA LEU C 163 27.77 -30.55 -22.64
C LEU C 163 28.49 -29.58 -23.56
N ASP C 164 28.18 -29.61 -24.86
CA ASP C 164 28.73 -28.61 -25.77
C ASP C 164 28.28 -27.21 -25.38
N PHE C 165 27.00 -27.04 -25.06
CA PHE C 165 26.48 -25.72 -24.68
C PHE C 165 27.28 -25.14 -23.53
N ILE C 166 27.50 -25.94 -22.48
CA ILE C 166 28.24 -25.48 -21.32
C ILE C 166 29.69 -25.18 -21.69
N LYS C 167 30.32 -26.06 -22.47
CA LYS C 167 31.71 -25.87 -22.82
C LYS C 167 31.93 -24.57 -23.60
N ALA C 168 30.95 -24.16 -24.41
CA ALA C 168 31.10 -22.91 -25.14
C ALA C 168 31.07 -21.69 -24.20
N ARG C 169 30.30 -21.76 -23.12
CA ARG C 169 30.30 -20.65 -22.16
C ARG C 169 31.58 -20.62 -21.35
N LYS C 170 32.11 -21.80 -21.01
CA LYS C 170 33.39 -21.85 -20.33
C LYS C 170 34.50 -21.31 -21.22
N ARG C 171 34.45 -21.60 -22.52
CA ARG C 171 35.41 -21.00 -23.45
C ARG C 171 35.28 -19.48 -23.45
N ALA C 172 34.05 -18.97 -23.37
CA ALA C 172 33.85 -17.52 -23.41
C ALA C 172 34.27 -16.84 -22.12
N ALA C 173 34.41 -17.58 -21.03
CA ALA C 173 34.93 -17.03 -19.76
C ALA C 173 35.63 -18.15 -19.01
N PRO C 174 36.87 -18.48 -19.40
CA PRO C 174 37.58 -19.59 -18.76
C PRO C 174 37.68 -19.40 -17.25
N LYS C 175 37.44 -20.48 -16.51
CA LYS C 175 37.45 -20.50 -15.04
C LYS C 175 36.27 -19.75 -14.43
N HIS C 176 36.04 -18.50 -14.85
CA HIS C 176 35.10 -17.65 -14.13
C HIS C 176 33.65 -18.10 -14.30
N PHE C 177 33.24 -18.49 -15.51
CA PHE C 177 31.86 -18.93 -15.69
C PHE C 177 31.55 -20.12 -14.79
N ALA C 178 32.36 -21.19 -14.89
CA ALA C 178 32.11 -22.36 -14.07
C ALA C 178 32.24 -22.04 -12.58
N GLN C 179 33.14 -21.12 -12.21
CA GLN C 179 33.27 -20.78 -10.80
C GLN C 179 32.01 -20.09 -10.29
N VAL C 180 31.45 -19.16 -11.07
CA VAL C 180 30.25 -18.46 -10.62
C VAL C 180 29.06 -19.41 -10.59
N VAL C 181 28.96 -20.32 -11.57
CA VAL C 181 27.94 -21.37 -11.50
C VAL C 181 28.04 -22.10 -10.17
N ARG C 182 29.26 -22.50 -9.79
CA ARG C 182 29.44 -23.28 -8.57
C ARG C 182 29.09 -22.46 -7.33
N LEU C 183 29.47 -21.18 -7.31
CA LEU C 183 29.09 -20.33 -6.18
C LEU C 183 27.57 -20.20 -6.07
N ALA C 184 26.88 -20.10 -7.22
CA ALA C 184 25.43 -19.95 -7.19
C ALA C 184 24.74 -21.24 -6.78
N LYS C 185 25.27 -22.39 -7.23
CA LYS C 185 24.74 -23.67 -6.77
C LYS C 185 24.96 -23.85 -5.27
N TYR C 186 26.12 -23.44 -4.77
CA TYR C 186 26.39 -23.52 -3.34
C TYR C 186 25.38 -22.69 -2.56
N TRP C 187 25.17 -21.45 -2.98
CA TRP C 187 24.11 -20.61 -2.41
C TRP C 187 22.76 -21.33 -2.45
N ALA C 188 22.37 -21.83 -3.61
CA ALA C 188 21.06 -22.46 -3.75
C ALA C 188 20.91 -23.63 -2.80
N ARG C 189 21.96 -24.45 -2.66
CA ARG C 189 21.95 -25.55 -1.72
C ARG C 189 21.73 -25.06 -0.30
N LEU C 190 22.38 -23.95 0.08
CA LEU C 190 22.15 -23.38 1.41
C LEU C 190 20.71 -22.93 1.57
N MET C 191 20.16 -22.28 0.54
CA MET C 191 18.78 -21.82 0.62
C MET C 191 17.81 -22.99 0.77
N LYS C 192 18.08 -24.11 0.11
CA LYS C 192 17.19 -25.26 0.21
C LYS C 192 17.17 -25.83 1.63
N GLN C 193 18.30 -25.76 2.33
CA GLN C 193 18.33 -26.16 3.73
C GLN C 193 17.56 -25.16 4.59
N GLU C 194 17.73 -23.86 4.30
CA GLU C 194 17.17 -22.81 5.14
C GLU C 194 15.73 -22.45 4.81
N ARG C 195 15.32 -22.53 3.52
CA ARG C 195 14.00 -22.03 3.15
C ARG C 195 13.08 -23.18 2.74
N PRO C 196 11.80 -23.12 3.14
CA PRO C 196 10.89 -24.25 2.96
C PRO C 196 10.48 -24.56 1.52
N ASN C 197 10.04 -23.55 0.76
CA ASN C 197 9.53 -23.78 -0.59
C ASN C 197 10.61 -23.60 -1.66
N PHE C 198 11.88 -23.59 -1.28
CA PHE C 198 12.95 -23.19 -2.18
C PHE C 198 13.45 -24.40 -2.98
N ARG C 199 13.28 -24.32 -4.30
CA ARG C 199 13.90 -25.23 -5.25
C ARG C 199 14.63 -24.39 -6.29
N PHE C 200 15.70 -24.94 -6.85
CA PHE C 200 16.43 -24.23 -7.90
C PHE C 200 17.34 -25.25 -8.60
N LYS C 201 16.81 -25.86 -9.65
CA LYS C 201 17.51 -26.90 -10.39
C LYS C 201 18.85 -26.39 -10.91
N SER C 202 19.89 -27.21 -10.76
CA SER C 202 21.23 -26.79 -11.14
C SER C 202 21.30 -26.40 -12.62
N PHE C 203 20.64 -27.17 -13.49
CA PHE C 203 20.69 -26.86 -14.92
C PHE C 203 20.03 -25.51 -15.21
N MET C 204 19.02 -25.12 -14.42
CA MET C 204 18.41 -23.81 -14.59
C MET C 204 19.37 -22.70 -14.17
N ILE C 205 20.04 -22.86 -13.03
CA ILE C 205 21.06 -21.91 -12.61
C ILE C 205 22.08 -21.73 -13.73
N GLU C 206 22.51 -22.84 -14.35
CA GLU C 206 23.50 -22.77 -15.40
C GLU C 206 22.98 -22.03 -16.63
N LEU C 207 21.71 -22.24 -16.97
CA LEU C 207 21.15 -21.58 -18.15
C LEU C 207 20.94 -20.10 -17.90
N ILE C 208 20.49 -19.73 -16.70
CA ILE C 208 20.35 -18.31 -16.37
C ILE C 208 21.70 -17.62 -16.48
N LEU C 209 22.73 -18.22 -15.89
CA LEU C 209 24.06 -17.62 -15.95
C LEU C 209 24.62 -17.62 -17.37
N ALA C 210 24.32 -18.66 -18.15
CA ALA C 210 24.76 -18.66 -19.55
C ALA C 210 24.15 -17.49 -20.31
N LYS C 211 22.90 -17.15 -20.01
CA LYS C 211 22.25 -16.02 -20.67
C LYS C 211 22.89 -14.71 -20.25
N LEU C 212 23.14 -14.53 -18.96
CA LEU C 212 23.83 -13.33 -18.50
C LEU C 212 25.18 -13.18 -19.17
N LEU C 213 25.95 -14.28 -19.25
CA LEU C 213 27.24 -14.23 -19.94
C LEU C 213 27.07 -13.83 -21.40
N ASP C 214 26.17 -14.51 -22.11
CA ASP C 214 25.88 -14.14 -23.49
C ASP C 214 25.52 -12.66 -23.61
N ASN C 215 24.84 -12.12 -22.60
CA ASN C 215 24.43 -10.72 -22.61
C ASN C 215 25.56 -9.76 -22.27
N GLY C 216 26.73 -10.25 -21.88
CA GLY C 216 27.86 -9.40 -21.59
C GLY C 216 28.12 -9.10 -20.13
N VAL C 217 27.46 -9.80 -19.21
CA VAL C 217 27.79 -9.65 -17.80
C VAL C 217 29.24 -10.08 -17.58
N ASP C 218 29.94 -9.35 -16.71
CA ASP C 218 31.35 -9.59 -16.43
C ASP C 218 31.45 -10.61 -15.30
N PHE C 219 31.97 -11.80 -15.60
CA PHE C 219 32.13 -12.85 -14.61
C PHE C 219 33.47 -12.82 -13.90
N SER C 220 34.35 -11.88 -14.23
CA SER C 220 35.70 -11.89 -13.68
C SER C 220 35.80 -11.29 -12.29
N ASN C 221 34.70 -10.73 -11.77
CA ASN C 221 34.63 -10.26 -10.39
C ASN C 221 33.41 -10.94 -9.76
N TYR C 222 33.66 -11.81 -8.79
CA TYR C 222 32.61 -12.73 -8.34
C TYR C 222 31.51 -12.01 -7.55
N PRO C 223 31.84 -11.09 -6.64
CA PRO C 223 30.75 -10.33 -6.01
C PRO C 223 29.81 -9.67 -7.02
N GLU C 224 30.37 -9.05 -8.07
CA GLU C 224 29.51 -8.38 -9.05
C GLU C 224 28.77 -9.38 -9.94
N ALA C 225 29.43 -10.48 -10.31
CA ALA C 225 28.75 -11.50 -11.11
C ALA C 225 27.58 -12.11 -10.35
N LEU C 226 27.77 -12.39 -9.05
CA LEU C 226 26.68 -12.88 -8.23
C LEU C 226 25.57 -11.83 -8.11
N GLN C 227 25.95 -10.56 -8.00
CA GLN C 227 24.95 -9.50 -7.92
C GLN C 227 24.14 -9.41 -9.22
N ALA C 228 24.80 -9.58 -10.37
CA ALA C 228 24.06 -9.59 -11.63
C ALA C 228 23.04 -10.73 -11.64
N PHE C 229 23.42 -11.89 -11.12
CA PHE C 229 22.53 -13.04 -11.05
C PHE C 229 21.35 -12.77 -10.13
N PHE C 230 21.62 -12.36 -8.89
CA PHE C 230 20.55 -12.04 -7.96
C PHE C 230 19.69 -10.89 -8.51
N SER C 231 20.32 -9.85 -9.05
CA SER C 231 19.56 -8.72 -9.59
C SER C 231 18.63 -9.17 -10.71
N TYR C 232 19.11 -10.05 -11.59
CA TYR C 232 18.27 -10.56 -12.66
C TYR C 232 17.05 -11.28 -12.11
N LEU C 233 17.28 -12.18 -11.15
CA LEU C 233 16.16 -12.91 -10.55
C LEU C 233 15.13 -11.96 -9.97
N VAL C 234 15.59 -10.94 -9.25
CA VAL C 234 14.69 -10.05 -8.54
C VAL C 234 13.92 -9.16 -9.51
N SER C 235 14.58 -8.65 -10.55
CA SER C 235 13.93 -7.67 -11.42
C SER C 235 13.05 -8.31 -12.49
N THR C 236 13.40 -9.51 -12.97
CA THR C 236 12.50 -10.21 -13.89
C THR C 236 11.47 -11.04 -13.16
N GLU C 237 11.72 -11.41 -11.90
CA GLU C 237 10.83 -12.27 -11.13
C GLU C 237 10.60 -13.60 -11.84
N LEU C 238 11.59 -14.01 -12.65
CA LEU C 238 11.56 -15.27 -13.39
C LEU C 238 10.46 -15.32 -14.44
N ARG C 239 9.98 -14.16 -14.88
CA ARG C 239 8.94 -14.08 -15.89
C ARG C 239 9.47 -13.72 -17.26
N GLU C 240 10.77 -13.48 -17.40
CA GLU C 240 11.38 -13.27 -18.71
C GLU C 240 11.74 -14.64 -19.29
N ARG C 241 11.22 -14.91 -20.49
CA ARG C 241 11.52 -16.16 -21.17
C ARG C 241 12.97 -16.20 -21.60
N ILE C 242 13.65 -17.31 -21.32
CA ILE C 242 15.06 -17.47 -21.67
C ILE C 242 15.16 -18.47 -22.81
N VAL C 243 15.74 -18.04 -23.92
CA VAL C 243 15.88 -18.83 -25.13
C VAL C 243 17.29 -18.65 -25.67
N PHE C 244 17.87 -19.74 -26.15
CA PHE C 244 19.18 -19.71 -26.79
C PHE C 244 19.04 -20.15 -28.24
N GLU C 245 19.92 -19.65 -29.10
CA GLU C 245 19.89 -19.97 -30.53
C GLU C 245 21.11 -20.78 -30.97
N ASP C 246 21.77 -21.47 -30.03
CA ASP C 246 22.90 -22.31 -30.39
C ASP C 246 22.52 -23.33 -31.45
N ASN C 247 21.35 -23.96 -31.31
CA ASN C 247 20.97 -25.09 -32.15
C ASN C 247 19.74 -24.85 -33.01
N TYR C 248 18.95 -23.84 -32.74
CA TYR C 248 17.77 -23.52 -33.54
C TYR C 248 17.52 -22.03 -33.44
N PRO C 249 16.79 -21.45 -34.38
CA PRO C 249 16.41 -20.04 -34.26
C PRO C 249 15.22 -19.87 -33.32
N ALA C 250 15.15 -18.68 -32.70
CA ALA C 250 14.09 -18.41 -31.74
C ALA C 250 12.70 -18.52 -32.37
N SER C 251 12.61 -18.48 -33.69
CA SER C 251 11.33 -18.65 -34.36
C SER C 251 10.72 -20.02 -34.09
N LYS C 252 11.54 -21.01 -33.78
CA LYS C 252 11.04 -22.37 -33.53
C LYS C 252 10.33 -22.50 -32.19
N ILE C 253 10.46 -21.52 -31.29
CA ILE C 253 9.81 -21.59 -29.99
C ILE C 253 8.31 -21.36 -30.18
N GLY C 254 7.52 -22.33 -29.77
CA GLY C 254 6.08 -22.16 -29.76
C GLY C 254 5.61 -21.51 -28.47
N THR C 255 4.47 -20.84 -28.54
CA THR C 255 3.95 -20.15 -27.36
C THR C 255 3.68 -21.14 -26.25
N LEU C 256 4.04 -20.75 -25.03
CA LEU C 256 3.85 -21.59 -23.85
C LEU C 256 3.11 -20.80 -22.78
N SER C 257 2.37 -21.51 -21.95
CA SER C 257 1.64 -20.91 -20.83
C SER C 257 2.35 -21.10 -19.50
N ASP C 258 3.48 -21.80 -19.47
CA ASP C 258 4.16 -22.06 -18.22
C ASP C 258 4.57 -20.74 -17.55
N LEU C 259 4.55 -20.75 -16.22
CA LEU C 259 4.87 -19.56 -15.45
C LEU C 259 6.32 -19.15 -15.62
N VAL C 260 7.24 -20.09 -15.53
CA VAL C 260 8.66 -19.86 -15.77
C VAL C 260 9.04 -20.62 -17.04
N GLN C 261 9.74 -19.94 -17.95
CA GLN C 261 10.08 -20.48 -19.25
C GLN C 261 11.57 -20.30 -19.49
N ILE C 262 12.32 -21.39 -19.32
CA ILE C 262 13.75 -21.44 -19.61
C ILE C 262 13.91 -22.63 -20.54
N ILE C 263 14.09 -22.37 -21.82
CA ILE C 263 13.91 -23.38 -22.85
C ILE C 263 15.22 -24.12 -23.09
N ASP C 264 15.14 -25.44 -23.05
CA ASP C 264 16.21 -26.36 -23.42
C ASP C 264 16.89 -25.89 -24.71
N PRO C 265 18.19 -25.57 -24.66
CA PRO C 265 18.88 -25.14 -25.89
C PRO C 265 18.90 -26.20 -26.99
N VAL C 266 18.58 -27.45 -26.69
CA VAL C 266 18.55 -28.49 -27.70
C VAL C 266 17.16 -28.63 -28.32
N ASN C 267 16.12 -28.49 -27.52
CA ASN C 267 14.76 -28.84 -27.92
C ASN C 267 13.82 -27.67 -27.67
N PRO C 268 13.29 -27.03 -28.71
CA PRO C 268 12.56 -25.77 -28.51
C PRO C 268 11.22 -25.92 -27.77
N VAL C 269 10.70 -27.13 -27.59
CA VAL C 269 9.44 -27.30 -26.88
C VAL C 269 9.63 -27.85 -25.47
N ASN C 270 10.86 -28.06 -25.03
CA ASN C 270 11.13 -28.61 -23.70
C ASN C 270 11.50 -27.47 -22.76
N ASN C 271 10.58 -27.10 -21.89
CA ASN C 271 10.81 -26.05 -20.91
C ASN C 271 11.42 -26.66 -19.66
N VAL C 272 12.69 -26.34 -19.41
CA VAL C 272 13.40 -26.88 -18.25
C VAL C 272 12.71 -26.48 -16.95
N ALA C 273 12.01 -25.36 -16.94
CA ALA C 273 11.37 -24.83 -15.73
C ALA C 273 9.88 -25.13 -15.68
N ARG C 274 9.40 -26.07 -16.49
CA ARG C 274 7.96 -26.29 -16.62
C ARG C 274 7.29 -26.59 -15.29
N LEU C 275 8.01 -27.11 -14.31
CA LEU C 275 7.40 -27.54 -13.06
C LEU C 275 7.40 -26.46 -11.97
N TYR C 276 8.03 -25.33 -12.21
CA TYR C 276 8.18 -24.33 -11.16
C TYR C 276 6.90 -23.54 -10.96
N THR C 277 6.42 -23.52 -9.71
CA THR C 277 5.19 -22.88 -9.33
C THR C 277 5.49 -21.47 -8.81
N GLN C 278 4.41 -20.72 -8.57
CA GLN C 278 4.57 -19.36 -8.07
C GLN C 278 5.25 -19.34 -6.70
N SER C 279 4.91 -20.31 -5.85
CA SER C 279 5.56 -20.38 -4.54
C SER C 279 7.05 -20.65 -4.68
N ASN C 280 7.44 -21.56 -5.58
CA ASN C 280 8.85 -21.73 -5.90
C ASN C 280 9.47 -20.40 -6.29
N VAL C 281 8.83 -19.69 -7.22
CA VAL C 281 9.38 -18.44 -7.72
C VAL C 281 9.49 -17.41 -6.59
N ASP C 282 8.46 -17.31 -5.76
CA ASP C 282 8.51 -16.37 -4.64
C ASP C 282 9.66 -16.70 -3.70
N ALA C 283 9.89 -17.99 -3.45
CA ALA C 283 11.01 -18.38 -2.59
C ALA C 283 12.33 -17.96 -3.20
N ILE C 284 12.51 -18.20 -4.51
CA ILE C 284 13.75 -17.80 -5.18
C ILE C 284 13.92 -16.29 -5.08
N ILE C 285 12.87 -15.52 -5.35
CA ILE C 285 12.99 -14.07 -5.42
C ILE C 285 13.35 -13.50 -4.04
N ASP C 286 12.60 -13.90 -3.01
CA ASP C 286 12.93 -13.44 -1.67
C ASP C 286 14.37 -13.76 -1.32
N ALA C 287 14.83 -14.95 -1.69
CA ALA C 287 16.20 -15.35 -1.40
C ALA C 287 17.21 -14.50 -2.18
N ALA C 288 16.94 -14.26 -3.46
CA ALA C 288 17.84 -13.43 -4.27
C ALA C 288 17.89 -12.01 -3.74
N MET C 289 16.77 -11.48 -3.25
CA MET C 289 16.75 -10.13 -2.70
C MET C 289 17.57 -10.06 -1.42
N ASP C 290 17.39 -11.04 -0.52
CA ASP C 290 18.22 -11.09 0.68
C ASP C 290 19.69 -11.19 0.32
N ALA C 291 20.04 -12.06 -0.64
CA ALA C 291 21.43 -12.22 -1.02
C ALA C 291 22.01 -10.93 -1.57
N GLY C 292 21.26 -10.24 -2.43
CA GLY C 292 21.77 -8.98 -2.98
C GLY C 292 21.92 -7.91 -1.92
N ASP C 293 20.94 -7.80 -1.03
CA ASP C 293 21.05 -6.87 0.09
C ASP C 293 22.29 -7.15 0.93
N ALA C 294 22.59 -8.42 1.15
CA ALA C 294 23.74 -8.78 1.97
C ALA C 294 25.06 -8.43 1.29
N ILE C 295 25.19 -8.76 0.01
CA ILE C 295 26.43 -8.50 -0.71
C ILE C 295 26.73 -7.01 -0.76
N ASP C 296 25.70 -6.18 -1.04
CA ASP C 296 25.94 -4.75 -1.06
C ASP C 296 26.14 -4.19 0.34
N ALA C 297 25.49 -4.79 1.35
CA ALA C 297 25.80 -4.43 2.73
C ALA C 297 27.27 -4.70 3.03
N ALA C 298 27.77 -5.86 2.62
CA ALA C 298 29.17 -6.20 2.84
C ALA C 298 30.11 -5.28 2.08
N PHE C 299 29.62 -4.62 1.02
CA PHE C 299 30.47 -3.72 0.25
C PHE C 299 30.86 -2.49 1.05
N TYR C 300 29.97 -2.01 1.92
CA TYR C 300 30.23 -0.81 2.70
C TYR C 300 30.43 -1.07 4.19
N ALA C 301 30.26 -2.31 4.65
CA ALA C 301 30.26 -2.56 6.08
C ALA C 301 31.57 -2.05 6.68
N PRO C 302 31.52 -1.37 7.83
CA PRO C 302 32.74 -0.72 8.33
C PRO C 302 33.77 -1.64 8.95
N THR C 303 33.38 -2.85 9.37
CA THR C 303 34.28 -3.75 10.07
C THR C 303 34.33 -5.09 9.34
N LYS C 304 35.41 -5.85 9.61
CA LYS C 304 35.53 -7.18 9.04
C LYS C 304 34.45 -8.12 9.57
N GLN C 305 34.16 -8.02 10.88
CA GLN C 305 33.16 -8.87 11.48
C GLN C 305 31.79 -8.69 10.83
N LEU C 306 31.37 -7.43 10.68
CA LEU C 306 30.11 -7.17 9.99
C LEU C 306 30.15 -7.68 8.56
N THR C 307 31.26 -7.45 7.86
CA THR C 307 31.39 -7.89 6.47
C THR C 307 31.22 -9.40 6.37
N VAL C 308 31.87 -10.15 7.26
CA VAL C 308 31.79 -11.60 7.23
C VAL C 308 30.37 -12.06 7.53
N THR C 309 29.72 -11.40 8.50
CA THR C 309 28.36 -11.76 8.85
C THR C 309 27.42 -11.59 7.66
N TYR C 310 27.61 -10.53 6.87
CA TYR C 310 26.78 -10.34 5.69
C TYR C 310 27.01 -11.45 4.67
N TRP C 311 28.28 -11.79 4.41
CA TRP C 311 28.56 -12.82 3.42
C TRP C 311 28.09 -14.19 3.89
N GLN C 312 28.01 -14.42 5.20
CA GLN C 312 27.50 -15.69 5.69
C GLN C 312 25.99 -15.83 5.48
N LYS C 313 25.28 -14.73 5.28
CA LYS C 313 23.90 -14.81 4.83
C LYS C 313 23.83 -15.47 3.45
N VAL C 314 24.87 -15.30 2.64
CA VAL C 314 24.89 -15.85 1.29
C VAL C 314 25.49 -17.25 1.27
N PHE C 315 26.59 -17.48 1.99
CA PHE C 315 27.35 -18.72 1.88
C PHE C 315 27.40 -19.54 3.17
N GLY C 316 26.78 -19.08 4.25
CA GLY C 316 26.69 -19.88 5.46
C GLY C 316 27.92 -19.80 6.33
N SER C 317 27.89 -20.61 7.40
CA SER C 317 28.92 -20.58 8.43
C SER C 317 30.26 -21.14 7.94
N SER C 318 30.29 -21.79 6.78
CA SER C 318 31.57 -22.18 6.19
C SER C 318 32.39 -20.98 5.74
N PHE C 319 31.74 -19.84 5.51
CA PHE C 319 32.44 -18.63 5.09
C PHE C 319 32.92 -17.88 6.32
N GLN C 320 34.23 -17.67 6.42
CA GLN C 320 34.82 -17.01 7.57
C GLN C 320 35.67 -15.80 7.21
N GLY C 321 35.75 -15.43 5.94
CA GLY C 321 36.48 -14.24 5.53
C GLY C 321 37.90 -14.51 5.08
N HIS D 5 -4.17 -4.55 30.16
CA HIS D 5 -4.88 -3.59 29.27
C HIS D 5 -3.95 -2.46 28.82
N HIS D 6 -3.17 -1.94 29.75
CA HIS D 6 -2.21 -0.86 29.49
C HIS D 6 -0.83 -1.35 29.85
N HIS D 7 0.07 -1.42 28.86
CA HIS D 7 1.38 -2.00 29.04
C HIS D 7 2.45 -1.02 28.61
N HIS D 8 3.67 -1.24 29.10
CA HIS D 8 4.82 -0.49 28.62
C HIS D 8 6.01 -1.43 28.48
N HIS D 9 7.07 -0.91 27.88
CA HIS D 9 8.25 -1.68 27.52
C HIS D 9 9.05 -2.07 28.76
N HIS D 10 9.51 -3.33 28.80
CA HIS D 10 10.22 -3.83 29.98
C HIS D 10 11.50 -3.05 30.23
N GLU D 11 11.78 -2.75 31.50
CA GLU D 11 12.98 -2.01 31.87
C GLU D 11 14.24 -2.69 31.32
N ASN D 12 14.41 -3.98 31.63
CA ASN D 12 15.56 -4.72 31.12
C ASN D 12 15.74 -4.54 29.63
N LEU D 13 14.64 -4.51 28.87
CA LEU D 13 14.74 -4.48 27.42
C LEU D 13 15.29 -3.16 26.89
N TYR D 14 15.43 -2.13 27.72
CA TYR D 14 15.91 -0.85 27.25
C TYR D 14 17.43 -0.87 27.06
N PHE D 15 17.95 0.19 26.46
CA PHE D 15 19.33 0.21 25.98
C PHE D 15 20.32 0.39 27.13
N GLN D 16 21.61 0.36 26.77
CA GLN D 16 22.69 0.55 27.73
C GLN D 16 22.68 1.98 28.27
N SER D 17 23.10 2.13 29.53
CA SER D 17 22.85 3.36 30.26
C SER D 17 23.54 4.56 29.61
N ASN D 18 24.81 4.41 29.22
CA ASN D 18 25.60 5.53 28.72
C ASN D 18 26.04 5.25 27.29
N ALA D 19 25.61 6.11 26.37
CA ALA D 19 26.02 6.02 24.96
C ALA D 19 26.38 7.42 24.48
N THR D 20 27.62 7.60 24.04
CA THR D 20 28.09 8.85 23.49
C THR D 20 28.30 8.67 21.99
N PHE D 21 27.54 9.39 21.19
CA PHE D 21 27.59 9.23 19.75
C PHE D 21 28.95 9.68 19.22
N SER D 22 29.60 8.80 18.47
CA SER D 22 30.93 9.04 17.94
C SER D 22 30.92 8.85 16.43
N VAL D 23 32.07 9.10 15.81
CA VAL D 23 32.18 8.93 14.36
C VAL D 23 32.07 7.47 13.97
N THR D 24 32.49 6.56 14.87
CA THR D 24 32.26 5.14 14.63
C THR D 24 30.78 4.86 14.42
N HIS D 25 29.95 5.32 15.36
CA HIS D 25 28.51 5.14 15.22
C HIS D 25 27.98 5.82 13.95
N ALA D 26 28.54 6.99 13.61
CA ALA D 26 28.11 7.67 12.40
C ALA D 26 28.39 6.82 11.17
N ARG D 27 29.59 6.25 11.09
CA ARG D 27 29.95 5.40 9.95
C ARG D 27 29.10 4.15 9.89
N HIS D 28 28.70 3.62 11.05
CA HIS D 28 27.82 2.46 11.06
C HIS D 28 26.48 2.77 10.41
N MET D 29 25.91 3.94 10.72
CA MET D 29 24.65 4.34 10.11
C MET D 29 24.84 4.65 8.64
N ALA D 30 25.89 5.40 8.29
CA ALA D 30 26.06 5.86 6.92
C ALA D 30 26.34 4.71 5.97
N ALA D 31 27.08 3.69 6.43
CA ALA D 31 27.33 2.53 5.57
C ALA D 31 26.01 1.88 5.16
N LYS D 32 25.03 1.86 6.07
CA LYS D 32 23.74 1.24 5.76
C LYS D 32 22.95 2.09 4.79
N VAL D 33 23.03 3.42 4.91
CA VAL D 33 22.40 4.30 3.92
C VAL D 33 23.07 4.11 2.57
N ALA D 34 24.39 4.00 2.55
CA ALA D 34 25.11 3.77 1.30
C ALA D 34 24.65 2.47 0.64
N THR D 35 24.53 1.40 1.44
CA THR D 35 24.00 0.15 0.89
C THR D 35 22.65 0.37 0.24
N ASP D 36 21.73 1.02 0.96
CA ASP D 36 20.41 1.29 0.39
C ASP D 36 20.52 2.00 -0.94
N LEU D 37 21.42 2.98 -1.04
CA LEU D 37 21.57 3.72 -2.28
C LEU D 37 22.11 2.84 -3.40
N ARG D 38 22.97 1.87 -3.08
CA ARG D 38 23.45 0.98 -4.13
C ARG D 38 22.38 0.00 -4.57
N ARG D 39 21.50 -0.41 -3.65
CA ARG D 39 20.34 -1.20 -4.06
C ARG D 39 19.47 -0.43 -5.03
N MET D 40 19.27 0.86 -4.76
CA MET D 40 18.53 1.71 -5.69
C MET D 40 19.25 1.75 -7.05
N GLN D 41 20.57 1.90 -7.03
CA GLN D 41 21.33 1.96 -8.28
C GLN D 41 21.12 0.71 -9.12
N ARG D 42 21.07 -0.46 -8.48
CA ARG D 42 21.03 -1.70 -9.24
C ARG D 42 19.71 -1.88 -9.96
N PHE D 43 18.62 -1.35 -9.42
CA PHE D 43 17.31 -1.52 -10.02
C PHE D 43 16.80 -0.28 -10.73
N TYR D 44 17.49 0.86 -10.60
CA TYR D 44 17.03 2.10 -11.21
C TYR D 44 18.13 2.93 -11.82
N GLY D 45 19.38 2.47 -11.81
CA GLY D 45 20.44 3.10 -12.55
C GLY D 45 21.16 4.23 -11.84
N TYR D 46 20.62 4.71 -10.72
CA TYR D 46 21.19 5.85 -10.01
C TYR D 46 20.95 5.66 -8.52
N PRO D 47 21.79 6.25 -7.66
CA PRO D 47 22.99 7.04 -7.99
C PRO D 47 24.23 6.18 -8.16
N SER D 48 25.29 6.76 -8.72
CA SER D 48 26.49 6.02 -9.06
C SER D 48 27.32 5.71 -7.82
N ASP D 49 28.22 4.73 -7.96
CA ASP D 49 29.13 4.37 -6.88
C ASP D 49 29.90 5.58 -6.37
N ALA D 50 30.40 6.41 -7.29
CA ALA D 50 31.18 7.58 -6.87
C ALA D 50 30.29 8.58 -6.12
N ASP D 51 29.05 8.77 -6.57
CA ASP D 51 28.14 9.63 -5.83
C ASP D 51 27.83 9.07 -4.46
N ILE D 52 27.62 7.74 -4.39
CA ILE D 52 27.30 7.11 -3.11
C ILE D 52 28.43 7.33 -2.10
N GLU D 53 29.68 7.27 -2.57
CA GLU D 53 30.80 7.56 -1.68
C GLU D 53 30.70 8.95 -1.09
N ALA D 54 30.34 9.94 -1.91
CA ALA D 54 30.21 11.31 -1.42
C ALA D 54 29.04 11.44 -0.46
N TYR D 55 27.91 10.81 -0.77
CA TYR D 55 26.75 10.85 0.13
C TYR D 55 27.10 10.25 1.49
N GLU D 56 27.82 9.12 1.49
CA GLU D 56 28.22 8.49 2.74
C GLU D 56 29.13 9.42 3.54
N GLU D 57 30.15 9.97 2.87
CA GLU D 57 31.02 10.99 3.47
C GLU D 57 30.20 12.11 4.12
N GLU D 58 29.29 12.73 3.35
CA GLU D 58 28.50 13.83 3.89
C GLU D 58 27.71 13.38 5.12
N LEU D 59 27.08 12.21 5.03
CA LEU D 59 26.25 11.73 6.13
C LEU D 59 27.08 11.56 7.40
N VAL D 60 28.34 11.14 7.25
CA VAL D 60 29.19 10.93 8.41
C VAL D 60 29.52 12.26 9.08
N VAL D 61 29.81 13.28 8.27
CA VAL D 61 30.09 14.61 8.83
C VAL D 61 28.88 15.14 9.59
N PHE D 62 27.71 15.16 8.93
CA PHE D 62 26.53 15.72 9.58
C PHE D 62 26.11 14.88 10.78
N LEU D 63 26.14 13.55 10.66
CA LEU D 63 25.80 12.70 11.79
C LEU D 63 26.73 12.96 12.97
N LYS D 64 28.03 12.94 12.72
CA LYS D 64 29.01 13.17 13.79
C LYS D 64 28.72 14.45 14.55
N ALA D 65 28.42 15.53 13.82
CA ALA D 65 28.16 16.83 14.44
C ALA D 65 26.77 16.94 15.03
N GLY D 66 25.90 15.95 14.82
CA GLY D 66 24.53 16.06 15.28
C GLY D 66 23.70 17.06 14.50
N TYR D 67 24.11 17.37 13.27
CA TYR D 67 23.46 18.40 12.48
C TYR D 67 22.40 17.86 11.52
N LEU D 68 22.28 16.53 11.38
CA LEU D 68 21.30 15.96 10.48
C LEU D 68 19.94 15.92 11.16
N GLY D 69 18.93 16.50 10.51
CA GLY D 69 17.55 16.30 10.91
C GLY D 69 16.91 15.22 10.06
N GLU D 70 17.02 15.37 8.75
CA GLU D 70 16.36 14.47 7.80
C GLU D 70 17.03 14.63 6.45
N VAL D 71 17.14 13.52 5.72
CA VAL D 71 17.70 13.56 4.37
C VAL D 71 16.94 12.57 3.50
N SER D 72 16.66 12.98 2.27
CA SER D 72 15.97 12.15 1.30
C SER D 72 16.84 12.00 0.05
N TYR D 73 16.84 10.80 -0.51
CA TYR D 73 17.52 10.51 -1.77
C TYR D 73 16.53 9.73 -2.64
N GLY D 74 16.35 10.15 -3.89
CA GLY D 74 15.48 9.39 -4.77
C GLY D 74 15.12 10.17 -6.02
N PHE D 75 14.12 9.64 -6.72
CA PHE D 75 13.71 10.17 -8.01
C PHE D 75 12.55 11.15 -7.86
N GLN D 76 12.54 12.15 -8.73
CA GLN D 76 11.48 13.14 -8.79
C GLN D 76 10.89 13.16 -10.19
N LYS D 77 9.57 13.12 -10.28
CA LYS D 77 8.85 13.21 -11.53
C LYS D 77 7.87 14.36 -11.39
N ASN D 78 7.88 15.28 -12.35
CA ASN D 78 7.26 16.60 -12.16
C ASN D 78 8.09 17.24 -11.05
N ASN D 79 7.48 17.74 -9.97
CA ASN D 79 8.26 18.32 -8.87
C ASN D 79 8.01 17.60 -7.55
N ASN D 80 7.69 16.30 -7.61
CA ASN D 80 7.43 15.51 -6.42
C ASN D 80 8.28 14.24 -6.41
N TRP D 81 8.64 13.80 -5.20
CA TRP D 81 9.27 12.50 -5.04
C TRP D 81 8.34 11.41 -5.56
N ILE D 82 8.94 10.38 -6.17
CA ILE D 82 8.22 9.18 -6.57
C ILE D 82 8.95 7.98 -6.00
N GLU D 83 8.32 6.82 -6.10
CA GLU D 83 9.02 5.60 -5.75
C GLU D 83 10.05 5.32 -6.85
N PRO D 84 11.31 5.05 -6.51
CA PRO D 84 11.87 4.97 -5.16
C PRO D 84 12.44 6.29 -4.64
N THR D 85 12.08 6.62 -3.40
CA THR D 85 12.71 7.71 -2.65
C THR D 85 12.86 7.24 -1.21
N LEU D 86 14.08 7.37 -0.68
CA LEU D 86 14.41 6.91 0.65
C LEU D 86 14.66 8.11 1.56
N ARG D 87 13.99 8.14 2.70
CA ARG D 87 14.07 9.26 3.63
C ARG D 87 14.51 8.75 4.99
N TYR D 88 15.50 9.42 5.57
CA TYR D 88 16.10 9.02 6.84
C TYR D 88 15.98 10.17 7.81
N THR D 89 15.38 9.90 8.97
CA THR D 89 15.07 10.93 9.96
C THR D 89 15.84 10.61 11.24
N ALA D 90 16.63 11.58 11.69
CA ALA D 90 17.44 11.39 12.89
C ALA D 90 16.57 11.47 14.13
N GLY D 91 16.84 10.59 15.08
CA GLY D 91 16.10 10.58 16.32
C GLY D 91 16.91 9.90 17.41
N ASP D 92 16.32 9.88 18.60
CA ASP D 92 16.94 9.17 19.71
C ASP D 92 16.58 7.69 19.65
N LEU D 93 17.51 6.86 20.11
CA LEU D 93 17.26 5.43 20.18
C LEU D 93 16.22 5.14 21.25
N LEU D 94 15.24 4.30 20.92
CA LEU D 94 14.16 3.97 21.83
C LEU D 94 14.17 2.48 22.21
N GLY D 95 13.75 2.20 23.44
CA GLY D 95 13.51 0.83 23.85
C GLY D 95 14.71 -0.06 23.63
N SER D 96 14.44 -1.29 23.22
CA SER D 96 15.53 -2.23 22.95
C SER D 96 16.46 -1.70 21.87
N GLY D 97 15.92 -0.94 20.93
CA GLY D 97 16.73 -0.43 19.84
C GLY D 97 16.72 -1.39 18.68
N THR D 98 16.27 -0.90 17.53
CA THR D 98 16.21 -1.70 16.32
C THR D 98 17.31 -1.24 15.39
N ASP D 99 18.27 -2.12 15.11
CA ASP D 99 19.37 -1.84 14.19
C ASP D 99 19.25 -2.85 13.05
N ASP D 100 18.42 -2.51 12.07
CA ASP D 100 18.08 -3.41 10.99
C ASP D 100 19.23 -3.57 10.00
N ASP D 101 19.19 -4.66 9.26
CA ASP D 101 20.06 -4.76 8.08
C ASP D 101 19.53 -3.82 7.00
N PRO D 102 20.41 -3.24 6.19
CA PRO D 102 19.96 -2.37 5.11
C PRO D 102 19.34 -3.18 3.98
N GLY D 103 18.65 -2.46 3.08
CA GLY D 103 18.16 -3.05 1.85
C GLY D 103 16.65 -2.91 1.70
N LYS D 104 16.05 -3.89 1.01
CA LYS D 104 14.62 -3.91 0.69
C LYS D 104 14.20 -2.66 -0.08
N ILE D 105 14.80 -2.52 -1.26
CA ILE D 105 14.39 -1.54 -2.27
C ILE D 105 13.59 -2.30 -3.34
N ARG D 106 12.31 -1.97 -3.49
CA ARG D 106 11.50 -2.65 -4.50
C ARG D 106 12.02 -2.33 -5.90
N PRO D 107 12.06 -3.32 -6.81
CA PRO D 107 12.34 -3.01 -8.22
C PRO D 107 11.07 -2.84 -9.04
N GLY D 108 11.22 -2.49 -10.32
CA GLY D 108 10.14 -2.53 -11.27
C GLY D 108 9.26 -1.29 -11.34
N LYS D 109 9.50 -0.29 -10.51
CA LYS D 109 8.69 0.92 -10.52
C LYS D 109 9.05 1.83 -11.68
N ASP D 110 8.08 2.64 -12.09
CA ASP D 110 8.23 3.51 -13.25
C ASP D 110 9.01 4.76 -12.85
N VAL D 111 10.18 4.94 -13.46
CA VAL D 111 11.00 6.14 -13.26
C VAL D 111 11.32 6.74 -14.61
N SER D 112 10.41 6.58 -15.57
CA SER D 112 10.70 6.87 -16.97
C SER D 112 11.25 8.28 -17.17
N GLY D 113 10.47 9.30 -16.82
CA GLY D 113 10.90 10.66 -17.05
C GLY D 113 11.68 11.28 -15.90
N ALA D 114 12.10 10.49 -14.94
CA ALA D 114 12.50 10.99 -13.64
C ALA D 114 13.99 11.27 -13.56
N SER D 115 14.36 12.13 -12.60
CA SER D 115 15.75 12.46 -12.32
C SER D 115 16.01 12.27 -10.83
N PHE D 116 17.27 12.01 -10.49
CA PHE D 116 17.65 11.72 -9.12
C PHE D 116 18.02 13.00 -8.38
N TYR D 117 17.52 13.13 -7.15
CA TYR D 117 17.82 14.28 -6.30
C TYR D 117 18.07 13.81 -4.89
N SER D 118 18.74 14.65 -4.10
CA SER D 118 18.81 14.49 -2.65
C SER D 118 18.50 15.84 -2.00
N PHE D 119 17.84 15.77 -0.85
CA PHE D 119 17.34 16.95 -0.16
C PHE D 119 17.53 16.74 1.34
N MET D 120 18.17 17.70 2.00
CA MET D 120 18.50 17.56 3.41
C MET D 120 17.88 18.70 4.23
N THR D 121 17.36 18.34 5.39
CA THR D 121 16.92 19.30 6.40
C THR D 121 17.82 19.15 7.62
N TYR D 122 18.40 20.27 8.05
CA TYR D 122 19.30 20.24 9.19
C TYR D 122 18.50 20.20 10.50
N SER D 123 19.19 19.81 11.57
CA SER D 123 18.57 19.65 12.88
C SER D 123 18.48 21.00 13.60
N SER D 124 17.75 20.99 14.72
CA SER D 124 17.65 22.19 15.54
C SER D 124 18.98 22.56 16.17
N LYS D 125 19.87 21.57 16.37
CA LYS D 125 21.19 21.87 16.92
C LYS D 125 22.05 22.60 15.90
N TYR D 126 21.97 22.19 14.62
CA TYR D 126 22.61 22.97 13.58
C TYR D 126 22.14 24.42 13.63
N LEU D 127 20.83 24.65 13.72
CA LEU D 127 20.31 26.00 13.66
C LEU D 127 20.71 26.84 14.87
N ASN D 128 20.85 26.21 16.04
CA ASN D 128 21.24 26.92 17.24
C ASN D 128 22.75 27.09 17.37
N ALA D 129 23.54 26.48 16.50
CA ALA D 129 24.99 26.60 16.59
C ALA D 129 25.46 27.90 15.97
N THR D 130 26.55 28.44 16.51
CA THR D 130 27.13 29.65 15.95
C THR D 130 27.81 29.33 14.61
N GLN D 131 28.03 30.38 13.83
CA GLN D 131 28.69 30.19 12.54
C GLN D 131 30.11 29.67 12.72
N SER D 132 30.75 30.03 13.83
CA SER D 132 32.06 29.46 14.15
C SER D 132 31.95 27.97 14.43
N GLU D 133 30.96 27.56 15.21
CA GLU D 133 30.79 26.13 15.50
C GLU D 133 30.37 25.37 14.25
N LYS D 134 29.56 25.98 13.39
CA LYS D 134 29.15 25.31 12.16
C LYS D 134 30.34 25.03 11.26
N ASP D 135 31.22 26.02 11.09
CA ASP D 135 32.30 25.88 10.13
C ASP D 135 33.32 24.84 10.56
N THR D 136 33.55 24.69 11.86
CA THR D 136 34.46 23.65 12.32
C THR D 136 33.84 22.27 12.21
N ALA D 137 32.51 22.17 12.41
CA ALA D 137 31.84 20.89 12.32
C ALA D 137 31.70 20.42 10.88
N LEU D 138 31.47 21.35 9.95
CA LEU D 138 31.26 21.02 8.55
C LEU D 138 32.50 21.26 7.70
N LYS D 139 33.68 21.13 8.33
CA LYS D 139 34.94 21.36 7.63
C LYS D 139 35.15 20.32 6.53
N ASP D 140 34.85 19.05 6.83
CA ASP D 140 35.19 17.94 5.94
C ASP D 140 34.08 17.61 4.95
N LEU D 141 33.19 18.57 4.65
CA LEU D 141 32.11 18.30 3.71
C LEU D 141 32.68 18.04 2.32
N PRO D 142 32.18 17.01 1.60
CA PRO D 142 32.66 16.78 0.23
C PRO D 142 32.00 17.68 -0.79
N PHE D 143 30.78 18.14 -0.50
CA PHE D 143 30.10 19.11 -1.35
C PHE D 143 29.17 19.95 -0.49
N LYS D 144 28.66 21.03 -1.07
CA LYS D 144 27.78 21.97 -0.39
C LYS D 144 26.44 22.02 -1.10
N ARG D 145 25.37 22.16 -0.31
CA ARG D 145 24.01 22.15 -0.83
C ARG D 145 23.49 23.58 -0.98
N VAL D 146 22.53 23.75 -1.89
CA VAL D 146 21.91 25.05 -2.13
C VAL D 146 20.46 24.99 -1.70
N GLY D 147 19.95 26.12 -1.22
CA GLY D 147 18.58 26.16 -0.74
C GLY D 147 17.59 25.84 -1.85
N ALA D 148 16.54 25.11 -1.49
CA ALA D 148 15.49 24.77 -2.44
C ALA D 148 14.20 24.51 -1.67
N GLN D 149 13.09 24.60 -2.40
CA GLN D 149 11.78 24.33 -1.81
C GLN D 149 11.62 22.83 -1.58
N SER D 150 11.01 22.48 -0.45
CA SER D 150 10.71 21.08 -0.15
C SER D 150 9.77 20.52 -1.21
N PRO D 151 10.15 19.47 -1.92
CA PRO D 151 9.27 18.91 -2.96
C PRO D 151 8.17 18.04 -2.37
N GLY D 152 7.08 17.94 -3.13
CA GLY D 152 5.96 17.11 -2.72
C GLY D 152 6.28 15.63 -2.83
N ILE D 153 5.30 14.82 -2.45
CA ILE D 153 5.42 13.36 -2.53
C ILE D 153 4.22 12.82 -3.30
N ASN D 154 4.49 12.09 -4.38
CA ASN D 154 3.46 11.41 -5.17
C ASN D 154 3.43 9.95 -4.71
N GLY D 155 2.58 9.67 -3.75
CA GLY D 155 2.45 8.36 -3.15
C GLY D 155 2.34 8.49 -1.64
N TYR D 156 2.63 7.40 -0.94
CA TYR D 156 2.61 7.39 0.51
C TYR D 156 3.97 6.95 1.06
N LEU D 157 4.16 7.16 2.36
CA LEU D 157 5.42 6.87 3.03
C LEU D 157 5.28 5.60 3.85
N GLU D 158 6.16 4.64 3.61
CA GLU D 158 6.23 3.42 4.41
C GLU D 158 7.46 3.49 5.32
N ASN D 159 7.23 3.43 6.62
CA ASN D 159 8.32 3.35 7.60
C ASN D 159 8.75 1.89 7.68
N ASP D 160 9.91 1.57 7.08
CA ASP D 160 10.28 0.18 6.89
C ASP D 160 11.63 -0.23 7.46
N LYS D 161 12.46 0.70 7.92
CA LYS D 161 13.71 0.29 8.56
C LYS D 161 14.15 1.29 9.62
N THR D 162 14.93 0.80 10.57
CA THR D 162 15.58 1.61 11.59
C THR D 162 17.02 1.16 11.72
N TYR D 163 17.95 2.10 11.62
CA TYR D 163 19.35 1.87 11.91
C TYR D 163 19.72 2.61 13.19
N SER D 164 20.53 1.97 14.04
CA SER D 164 20.79 2.51 15.37
C SER D 164 22.24 2.30 15.77
N ALA D 165 22.80 3.28 16.45
CA ALA D 165 24.14 3.16 17.03
C ALA D 165 24.37 4.33 17.98
N GLY D 166 25.06 4.05 19.08
CA GLY D 166 25.44 5.09 20.02
C GLY D 166 24.30 5.94 20.52
N GLY D 167 23.20 5.29 20.91
CA GLY D 167 22.08 6.02 21.49
C GLY D 167 21.27 6.84 20.52
N ARG D 168 21.48 6.68 19.22
CA ARG D 168 20.75 7.42 18.21
C ARG D 168 20.21 6.46 17.15
N SER D 169 19.16 6.90 16.45
CA SER D 169 18.51 6.09 15.45
C SER D 169 18.34 6.89 14.16
N LEU D 170 18.31 6.17 13.05
CA LEU D 170 17.89 6.71 11.76
C LEU D 170 16.64 5.92 11.35
N THR D 171 15.51 6.61 11.27
CA THR D 171 14.26 5.98 10.86
C THR D 171 14.08 6.20 9.37
N ARG D 172 13.91 5.10 8.63
CA ARG D 172 13.79 5.16 7.18
C ARG D 172 12.33 5.06 6.78
N THR D 173 11.89 5.98 5.93
CA THR D 173 10.61 5.90 5.26
C THR D 173 10.85 5.82 3.75
N SER D 174 10.04 5.02 3.07
CA SER D 174 10.18 4.78 1.64
C SER D 174 8.91 5.26 0.93
N VAL D 175 9.08 6.06 -0.12
CA VAL D 175 7.95 6.46 -0.93
C VAL D 175 7.40 5.26 -1.69
N ARG D 176 6.07 5.17 -1.77
CA ARG D 176 5.39 4.06 -2.44
C ARG D 176 4.37 4.62 -3.43
N ASN D 177 4.31 4.00 -4.60
CA ASN D 177 3.25 4.36 -5.54
C ASN D 177 1.89 4.14 -4.91
N PHE D 178 0.94 5.00 -5.24
CA PHE D 178 -0.44 4.76 -4.84
C PHE D 178 -0.95 3.49 -5.51
N VAL D 179 -1.61 2.64 -4.72
CA VAL D 179 -2.18 1.39 -5.24
C VAL D 179 -3.43 1.07 -4.43
#